data_3Q03
#
_entry.id   3Q03
#
_cell.length_a   76.680
_cell.length_b   67.160
_cell.length_c   91.160
_cell.angle_alpha   90.00
_cell.angle_beta   100.45
_cell.angle_gamma   90.00
#
_symmetry.space_group_name_H-M   'P 1 21 1'
#
loop_
_entity.id
_entity.type
_entity.pdbx_description
1 polymer 'Plasminogen activator inhibitor 1'
2 non-polymer 'ZINC ION'
3 non-polymer 'CHLORIDE ION'
4 water water
#
_entity_poly.entity_id   1
_entity_poly.type   'polypeptide(L)'
_entity_poly.pdbx_seq_one_letter_code
;VHHPPSYVAHLASDFGVRVFQQVAQASKDRNVVFSPYGVASVLAMLQLTTGGETQQQIQAAMGFKIDDKGMAPALRHLYK
ELMGPWNKDEISTTDAIFVQRDLKLVQGFMPHFFRLFRSTVKQVDFSEVERARFIINDWVKTHTKGMISNLLGKGAVDQL
TRLVLVNALYFNGQFKTPFPDSSTHRRLFHKSDGSTVSVPMMAQTNKFNYTEFTTPDGHYYDILELPYHGDTLSMFIAAP
YEKEVPLSALTNILSAQLISHWKGNMTRLPRLLVLPKFSLETEVDLRKPLENLGMTDMFRQFQADFTSLSDQEPLHVAQA
LQKVKIEVNESGTVASSSTAVIVSARMAPEEIIMDRPFLFVVRHNPTGTVLFMGQVMEP
;
_entity_poly.pdbx_strand_id   A,B
#
loop_
_chem_comp.id
_chem_comp.type
_chem_comp.name
_chem_comp.formula
CL non-polymer 'CHLORIDE ION' 'Cl -1'
ZN non-polymer 'ZINC ION' 'Zn 2'
#
# COMPACT_ATOMS: atom_id res chain seq x y z
N PRO A 4 10.49 -9.02 7.02
CA PRO A 4 10.32 -9.74 5.76
C PRO A 4 11.48 -9.52 4.78
N PRO A 5 11.87 -8.25 4.55
CA PRO A 5 13.02 -8.06 3.67
C PRO A 5 14.31 -8.15 4.47
N SER A 6 15.44 -8.25 3.78
CA SER A 6 16.73 -8.16 4.45
C SER A 6 16.96 -6.72 4.87
N TYR A 7 17.44 -6.52 6.08
CA TYR A 7 17.70 -5.18 6.57
C TYR A 7 18.54 -4.39 5.57
N VAL A 8 19.60 -5.00 5.08
CA VAL A 8 20.50 -4.33 4.15
C VAL A 8 19.92 -4.24 2.74
N ALA A 9 19.16 -5.25 2.33
CA ALA A 9 18.48 -5.23 1.05
C ALA A 9 17.52 -4.04 1.01
N HIS A 10 16.91 -3.76 2.16
CA HIS A 10 16.00 -2.63 2.27
C HIS A 10 16.75 -1.30 2.20
N LEU A 11 17.83 -1.18 2.98
CA LEU A 11 18.67 0.01 2.94
C LEU A 11 19.17 0.26 1.51
N ALA A 12 19.71 -0.79 0.90
CA ALA A 12 20.19 -0.70 -0.47
C ALA A 12 19.08 -0.24 -1.42
N SER A 13 17.94 -0.92 -1.36
CA SER A 13 16.83 -0.62 -2.25
C SER A 13 16.27 0.77 -2.03
N ASP A 14 16.02 1.12 -0.77
CA ASP A 14 15.49 2.44 -0.44
C ASP A 14 16.44 3.53 -0.94
N PHE A 15 17.73 3.29 -0.82
CA PHE A 15 18.72 4.25 -1.29
C PHE A 15 18.71 4.37 -2.81
N GLY A 16 18.75 3.22 -3.48
CA GLY A 16 18.73 3.19 -4.93
C GLY A 16 17.47 3.80 -5.52
N VAL A 17 16.37 3.67 -4.78
CA VAL A 17 15.11 4.23 -5.25
C VAL A 17 15.12 5.75 -5.18
N ARG A 18 15.67 6.29 -4.10
CA ARG A 18 15.80 7.74 -3.95
C ARG A 18 16.69 8.31 -5.05
N VAL A 19 17.72 7.57 -5.43
CA VAL A 19 18.58 7.97 -6.53
C VAL A 19 17.82 7.95 -7.86
N PHE A 20 17.00 6.93 -8.07
CA PHE A 20 16.19 6.85 -9.27
C PHE A 20 15.24 8.04 -9.40
N GLN A 21 14.60 8.39 -8.29
CA GLN A 21 13.68 9.52 -8.27
C GLN A 21 14.38 10.81 -8.68
N GLN A 22 15.66 10.92 -8.33
CA GLN A 22 16.46 12.09 -8.70
C GLN A 22 16.72 12.11 -10.20
N VAL A 23 16.92 10.92 -10.77
CA VAL A 23 17.13 10.81 -12.20
C VAL A 23 15.83 11.03 -12.97
N ALA A 24 14.74 10.48 -12.43
CA ALA A 24 13.43 10.59 -13.07
C ALA A 24 12.93 12.02 -13.06
N GLN A 25 13.21 12.75 -11.98
CA GLN A 25 12.82 14.14 -11.88
C GLN A 25 13.62 15.00 -12.85
N ALA A 26 14.86 14.60 -13.11
CA ALA A 26 15.71 15.32 -14.06
C ALA A 26 15.30 15.07 -15.51
N SER A 27 14.95 13.83 -15.83
CA SER A 27 14.54 13.46 -17.18
C SER A 27 13.07 13.05 -17.20
N LYS A 28 12.21 13.97 -16.77
CA LYS A 28 10.79 13.70 -16.58
C LYS A 28 10.11 12.94 -17.73
N ASP A 29 10.45 13.28 -18.97
CA ASP A 29 9.75 12.71 -20.11
C ASP A 29 10.60 11.82 -21.01
N ARG A 30 11.75 11.37 -20.51
CA ARG A 30 12.60 10.47 -21.26
C ARG A 30 12.52 9.07 -20.66
N ASN A 31 12.77 8.05 -21.47
CA ASN A 31 12.90 6.71 -20.96
C ASN A 31 14.06 6.64 -19.99
N VAL A 32 13.88 5.89 -18.91
CA VAL A 32 14.96 5.67 -17.96
C VAL A 32 14.85 4.24 -17.42
N VAL A 33 15.93 3.48 -17.57
CA VAL A 33 16.03 2.19 -16.91
C VAL A 33 17.23 2.25 -15.96
N PHE A 34 16.99 1.88 -14.71
CA PHE A 34 17.96 2.12 -13.66
C PHE A 34 18.05 0.92 -12.72
N SER A 35 19.17 0.78 -12.03
CA SER A 35 19.34 -0.29 -11.05
C SER A 35 19.59 0.28 -9.66
N PRO A 36 18.52 0.39 -8.87
CA PRO A 36 18.60 0.88 -7.49
C PRO A 36 19.60 0.06 -6.67
N TYR A 37 19.61 -1.25 -6.87
CA TYR A 37 20.52 -2.11 -6.13
C TYR A 37 21.97 -1.90 -6.57
N GLY A 38 22.17 -1.74 -7.88
CA GLY A 38 23.49 -1.56 -8.42
C GLY A 38 24.17 -0.31 -7.90
N VAL A 39 23.43 0.79 -7.81
CA VAL A 39 24.00 2.05 -7.38
C VAL A 39 24.31 2.01 -5.88
N ALA A 40 23.43 1.36 -5.12
CA ALA A 40 23.65 1.20 -3.69
C ALA A 40 24.89 0.36 -3.44
N SER A 41 25.08 -0.66 -4.26
CA SER A 41 26.19 -1.58 -4.11
C SER A 41 27.54 -0.93 -4.43
N VAL A 42 27.61 -0.21 -5.54
CA VAL A 42 28.86 0.45 -5.92
C VAL A 42 29.21 1.56 -4.94
N LEU A 43 28.19 2.17 -4.34
CA LEU A 43 28.41 3.23 -3.36
C LEU A 43 28.68 2.67 -1.97
N ALA A 44 28.27 1.43 -1.74
CA ALA A 44 28.63 0.73 -0.53
C ALA A 44 30.13 0.44 -0.56
N MET A 45 30.61 0.03 -1.73
CA MET A 45 32.03 -0.24 -1.92
C MET A 45 32.85 1.04 -1.83
N LEU A 46 32.31 2.12 -2.39
CA LEU A 46 33.00 3.41 -2.37
C LEU A 46 33.25 3.87 -0.94
N GLN A 47 32.38 3.48 -0.03
CA GLN A 47 32.53 3.84 1.37
C GLN A 47 33.87 3.37 1.93
N LEU A 48 34.37 2.26 1.39
CA LEU A 48 35.60 1.66 1.90
C LEU A 48 36.83 2.44 1.46
N THR A 49 36.72 3.12 0.34
CA THR A 49 37.83 3.89 -0.22
C THR A 49 37.77 5.32 0.28
N THR A 50 36.66 5.66 0.90
CA THR A 50 36.34 7.04 1.19
C THR A 50 36.54 7.36 2.68
N GLY A 51 36.93 8.60 2.97
CA GLY A 51 37.14 9.02 4.34
C GLY A 51 36.65 10.43 4.60
N GLY A 52 36.74 10.87 5.85
CA GLY A 52 36.37 12.22 6.22
C GLY A 52 34.96 12.60 5.82
N GLU A 53 34.79 13.82 5.35
CA GLU A 53 33.46 14.35 5.01
C GLU A 53 32.82 13.61 3.85
N THR A 54 33.64 13.19 2.88
CA THR A 54 33.14 12.46 1.73
C THR A 54 32.46 11.17 2.17
N GLN A 55 33.03 10.52 3.18
CA GLN A 55 32.45 9.30 3.72
C GLN A 55 31.16 9.62 4.46
N GLN A 56 31.19 10.66 5.28
CA GLN A 56 30.02 11.10 6.03
C GLN A 56 28.80 11.24 5.12
N GLN A 57 28.99 11.96 4.01
CA GLN A 57 27.89 12.25 3.10
C GLN A 57 27.30 10.97 2.50
N ILE A 58 28.17 10.04 2.11
CA ILE A 58 27.73 8.78 1.55
C ILE A 58 26.99 7.96 2.61
N GLN A 59 27.56 7.89 3.80
CA GLN A 59 26.96 7.13 4.90
C GLN A 59 25.62 7.73 5.32
N ALA A 60 25.55 9.05 5.36
CA ALA A 60 24.32 9.74 5.73
C ALA A 60 23.19 9.42 4.74
N ALA A 61 23.55 9.37 3.46
CA ALA A 61 22.58 9.15 2.39
C ALA A 61 22.12 7.70 2.28
N MET A 62 22.99 6.77 2.66
CA MET A 62 22.70 5.36 2.50
C MET A 62 22.04 4.74 3.73
N GLY A 63 22.18 5.40 4.87
CA GLY A 63 21.57 4.94 6.09
C GLY A 63 22.41 3.92 6.84
N PHE A 64 23.58 3.59 6.30
CA PHE A 64 24.46 2.65 6.96
C PHE A 64 25.93 2.88 6.63
N LYS A 65 26.80 2.34 7.47
CA LYS A 65 28.24 2.45 7.27
C LYS A 65 28.80 1.07 6.97
N ILE A 66 29.63 0.96 5.94
CA ILE A 66 30.29 -0.30 5.63
C ILE A 66 31.10 -0.73 6.85
N ASP A 67 31.30 0.21 7.76
CA ASP A 67 32.03 0.00 9.00
C ASP A 67 31.24 -0.88 9.97
N ASP A 68 29.96 -0.54 10.18
CA ASP A 68 29.10 -1.26 11.11
C ASP A 68 29.27 -2.77 11.01
N LYS A 69 29.24 -3.44 12.17
CA LYS A 69 29.50 -4.88 12.24
C LYS A 69 28.51 -5.69 11.39
N GLY A 70 29.05 -6.65 10.63
CA GLY A 70 28.25 -7.54 9.82
C GLY A 70 27.70 -6.90 8.55
N MET A 71 27.91 -5.60 8.40
CA MET A 71 27.37 -4.88 7.25
C MET A 71 28.02 -5.33 5.95
N ALA A 72 29.33 -5.56 5.98
CA ALA A 72 30.05 -6.01 4.79
C ALA A 72 29.66 -7.43 4.41
N PRO A 73 29.67 -8.36 5.38
CA PRO A 73 29.18 -9.71 5.08
C PRO A 73 27.76 -9.69 4.52
N ALA A 74 26.87 -8.92 5.16
CA ALA A 74 25.49 -8.83 4.73
C ALA A 74 25.37 -8.54 3.24
N LEU A 75 26.09 -7.53 2.78
CA LEU A 75 26.09 -7.17 1.37
C LEU A 75 26.63 -8.30 0.51
N ARG A 76 27.71 -8.92 1.01
CA ARG A 76 28.33 -10.01 0.29
C ARG A 76 27.34 -11.16 0.10
N HIS A 77 26.65 -11.51 1.18
CA HIS A 77 25.64 -12.56 1.14
C HIS A 77 24.45 -12.18 0.25
N LEU A 78 24.05 -10.92 0.32
CA LEU A 78 22.95 -10.43 -0.52
C LEU A 78 23.27 -10.60 -1.99
N TYR A 79 24.45 -10.12 -2.39
CA TYR A 79 24.90 -10.23 -3.78
C TYR A 79 24.91 -11.70 -4.23
N LYS A 80 25.60 -12.53 -3.47
CA LYS A 80 25.72 -13.94 -3.78
C LYS A 80 24.35 -14.60 -3.87
N GLU A 81 23.40 -14.06 -3.12
CA GLU A 81 22.03 -14.56 -3.12
C GLU A 81 21.29 -14.16 -4.40
N LEU A 82 21.61 -12.96 -4.89
CA LEU A 82 20.96 -12.41 -6.06
C LEU A 82 21.50 -13.00 -7.37
N MET A 83 22.75 -13.44 -7.34
CA MET A 83 23.41 -13.90 -8.57
C MET A 83 23.63 -15.40 -8.62
N GLY A 84 23.23 -16.10 -7.57
CA GLY A 84 23.37 -17.55 -7.52
C GLY A 84 22.62 -18.27 -8.61
N PRO A 85 23.05 -19.50 -8.92
CA PRO A 85 22.47 -20.33 -9.99
C PRO A 85 21.01 -20.67 -9.70
N TRP A 86 20.69 -20.81 -8.43
CA TRP A 86 19.33 -21.14 -7.98
C TRP A 86 18.29 -20.16 -8.49
N ASN A 87 18.74 -18.99 -8.95
CA ASN A 87 17.83 -17.96 -9.45
C ASN A 87 17.21 -18.29 -10.80
N LYS A 88 17.88 -19.15 -11.57
CA LYS A 88 17.41 -19.52 -12.90
C LYS A 88 17.47 -18.33 -13.86
N ASP A 89 16.76 -17.26 -13.53
CA ASP A 89 16.76 -16.06 -14.35
C ASP A 89 18.07 -15.29 -14.20
N GLU A 90 18.89 -15.34 -15.23
CA GLU A 90 20.21 -14.72 -15.18
C GLU A 90 20.15 -13.19 -15.18
N ILE A 91 21.05 -12.60 -14.40
CA ILE A 91 21.21 -11.15 -14.35
C ILE A 91 22.68 -10.86 -14.55
N SER A 92 23.04 -10.24 -15.67
CA SER A 92 24.42 -9.88 -15.90
C SER A 92 24.72 -8.50 -15.35
N THR A 93 25.65 -8.45 -14.41
CA THR A 93 25.98 -7.21 -13.73
C THR A 93 27.47 -7.11 -13.52
N THR A 94 27.94 -5.87 -13.37
CA THR A 94 29.34 -5.64 -13.08
C THR A 94 29.49 -4.24 -12.50
N ASP A 95 30.46 -4.10 -11.62
CA ASP A 95 30.84 -2.81 -11.10
C ASP A 95 32.36 -2.78 -11.06
N ALA A 96 32.92 -1.58 -10.93
CA ALA A 96 34.36 -1.45 -10.91
C ALA A 96 34.80 -0.05 -10.54
N ILE A 97 35.85 0.01 -9.74
CA ILE A 97 36.54 1.24 -9.46
C ILE A 97 37.84 1.20 -10.25
N PHE A 98 38.02 2.17 -11.15
CA PHE A 98 39.26 2.28 -11.92
C PHE A 98 40.09 3.43 -11.38
N VAL A 99 41.32 3.13 -11.00
CA VAL A 99 42.21 4.15 -10.46
C VAL A 99 43.45 4.27 -11.35
N GLN A 100 43.96 5.49 -11.49
CA GLN A 100 45.15 5.73 -12.28
C GLN A 100 46.32 4.95 -11.69
N ARG A 101 47.05 4.24 -12.55
CA ARG A 101 48.21 3.49 -12.12
C ARG A 101 49.30 4.41 -11.57
N ASP A 102 50.26 3.82 -10.86
CA ASP A 102 51.40 4.56 -10.32
C ASP A 102 50.99 5.58 -9.27
N LEU A 103 49.83 5.37 -8.66
CA LEU A 103 49.44 6.15 -7.49
C LEU A 103 49.53 5.26 -6.27
N LYS A 104 50.39 5.62 -5.33
CA LYS A 104 50.61 4.80 -4.15
C LYS A 104 49.31 4.57 -3.39
N LEU A 105 48.82 3.33 -3.41
CA LEU A 105 47.60 2.99 -2.69
C LEU A 105 47.92 2.61 -1.26
N VAL A 106 46.97 2.84 -0.36
CA VAL A 106 47.20 2.56 1.05
C VAL A 106 47.52 1.08 1.24
N GLN A 107 48.77 0.80 1.59
CA GLN A 107 49.21 -0.57 1.80
C GLN A 107 48.20 -1.33 2.66
N GLY A 108 47.65 -2.40 2.10
CA GLY A 108 46.69 -3.22 2.82
C GLY A 108 45.25 -3.04 2.36
N PHE A 109 45.01 -2.02 1.54
CA PHE A 109 43.65 -1.76 1.06
C PHE A 109 43.17 -2.76 0.00
N MET A 110 43.99 -2.97 -1.02
CA MET A 110 43.65 -3.93 -2.09
C MET A 110 43.13 -5.26 -1.55
N PRO A 111 43.94 -5.96 -0.74
CA PRO A 111 43.48 -7.26 -0.22
C PRO A 111 42.29 -7.11 0.71
N HIS A 112 42.22 -5.98 1.40
CA HIS A 112 41.11 -5.72 2.32
C HIS A 112 39.81 -5.51 1.53
N PHE A 113 39.90 -4.74 0.45
CA PHE A 113 38.76 -4.53 -0.43
C PHE A 113 38.26 -5.85 -1.02
N PHE A 114 39.20 -6.73 -1.35
CA PHE A 114 38.85 -8.02 -1.95
C PHE A 114 38.21 -8.96 -0.94
N ARG A 115 38.76 -9.00 0.27
CA ARG A 115 38.22 -9.86 1.31
C ARG A 115 36.77 -9.50 1.58
N LEU A 116 36.42 -8.24 1.37
CA LEU A 116 35.08 -7.75 1.68
C LEU A 116 34.10 -7.95 0.53
N PHE A 117 34.46 -7.49 -0.66
CA PHE A 117 33.55 -7.48 -1.79
C PHE A 117 33.86 -8.54 -2.85
N ARG A 118 35.00 -9.20 -2.70
CA ARG A 118 35.41 -10.23 -3.65
C ARG A 118 35.64 -9.63 -5.04
N SER A 119 35.78 -8.32 -5.09
CA SER A 119 36.17 -7.63 -6.31
C SER A 119 37.55 -7.03 -6.05
N THR A 120 38.16 -6.50 -7.10
CA THR A 120 39.41 -5.77 -6.95
C THR A 120 39.30 -4.42 -7.63
N VAL A 121 40.10 -3.46 -7.15
CA VAL A 121 40.22 -2.17 -7.81
C VAL A 121 41.15 -2.35 -8.99
N LYS A 122 40.72 -1.91 -10.17
CA LYS A 122 41.56 -2.02 -11.36
C LYS A 122 42.43 -0.77 -11.51
N GLN A 123 43.69 -0.97 -11.89
CA GLN A 123 44.59 0.14 -12.14
C GLN A 123 44.82 0.28 -13.64
N VAL A 124 44.66 1.49 -14.16
CA VAL A 124 44.82 1.74 -15.59
C VAL A 124 45.58 3.03 -15.82
N ASP A 125 46.17 3.15 -17.00
CA ASP A 125 46.87 4.38 -17.38
C ASP A 125 45.95 5.26 -18.21
N PHE A 126 45.34 6.24 -17.57
CA PHE A 126 44.46 7.19 -18.25
C PHE A 126 45.25 8.14 -19.17
N SER A 127 46.58 8.11 -19.06
CA SER A 127 47.43 8.89 -19.94
C SER A 127 47.18 8.48 -21.39
N GLU A 128 47.04 7.17 -21.60
CA GLU A 128 46.66 6.63 -22.90
C GLU A 128 45.15 6.67 -22.97
N VAL A 129 44.60 7.87 -23.21
CA VAL A 129 43.16 8.11 -23.12
C VAL A 129 42.30 7.07 -23.84
N GLU A 130 42.51 6.93 -25.15
CA GLU A 130 41.68 6.03 -25.94
C GLU A 130 41.88 4.56 -25.56
N ARG A 131 43.08 4.22 -25.12
CA ARG A 131 43.36 2.86 -24.70
C ARG A 131 42.69 2.58 -23.34
N ALA A 132 42.84 3.53 -22.41
CA ALA A 132 42.22 3.41 -21.10
C ALA A 132 40.72 3.30 -21.24
N ARG A 133 40.18 4.00 -22.23
CA ARG A 133 38.75 4.03 -22.48
C ARG A 133 38.25 2.69 -23.03
N PHE A 134 39.03 2.08 -23.92
CA PHE A 134 38.67 0.78 -24.49
C PHE A 134 38.82 -0.33 -23.45
N ILE A 135 39.88 -0.26 -22.66
CA ILE A 135 40.09 -1.24 -21.59
C ILE A 135 38.88 -1.28 -20.69
N ILE A 136 38.41 -0.10 -20.29
CA ILE A 136 37.26 0.00 -19.39
C ILE A 136 35.96 -0.46 -20.03
N ASN A 137 35.71 -0.02 -21.27
CA ASN A 137 34.50 -0.39 -21.98
C ASN A 137 34.44 -1.88 -22.30
N ASP A 138 35.58 -2.45 -22.66
CA ASP A 138 35.65 -3.87 -22.98
C ASP A 138 35.47 -4.72 -21.74
N TRP A 139 35.94 -4.23 -20.60
CA TRP A 139 35.71 -4.91 -19.34
C TRP A 139 34.20 -4.95 -19.07
N VAL A 140 33.57 -3.79 -19.15
CA VAL A 140 32.15 -3.66 -18.91
C VAL A 140 31.32 -4.55 -19.85
N LYS A 141 31.71 -4.59 -21.12
CA LYS A 141 31.00 -5.41 -22.09
C LYS A 141 31.22 -6.89 -21.81
N THR A 142 32.47 -7.27 -21.60
CA THR A 142 32.85 -8.64 -21.28
C THR A 142 32.07 -9.20 -20.09
N HIS A 143 31.79 -8.35 -19.10
CA HIS A 143 31.13 -8.79 -17.88
C HIS A 143 29.63 -8.52 -17.87
N THR A 144 29.07 -8.31 -19.07
CA THR A 144 27.63 -8.15 -19.21
C THR A 144 27.14 -8.96 -20.41
N LYS A 145 27.65 -10.18 -20.54
CA LYS A 145 27.29 -11.05 -21.65
C LYS A 145 27.50 -10.36 -22.99
N GLY A 146 28.38 -9.37 -23.01
CA GLY A 146 28.63 -8.59 -24.21
C GLY A 146 27.48 -7.66 -24.54
N MET A 147 26.63 -7.39 -23.55
CA MET A 147 25.42 -6.61 -23.77
C MET A 147 25.58 -5.11 -23.58
N ILE A 148 26.42 -4.70 -22.62
CA ILE A 148 26.63 -3.27 -22.36
C ILE A 148 27.93 -2.75 -22.97
N SER A 149 27.83 -2.08 -24.11
CA SER A 149 29.01 -1.60 -24.81
C SER A 149 29.13 -0.07 -24.76
N ASN A 150 30.35 0.42 -24.89
CA ASN A 150 30.60 1.86 -24.94
C ASN A 150 30.03 2.63 -23.74
N LEU A 151 30.28 2.11 -22.54
CA LEU A 151 29.81 2.76 -21.32
C LEU A 151 30.52 4.09 -21.10
N LEU A 152 31.75 4.19 -21.60
CA LEU A 152 32.47 5.45 -21.62
C LEU A 152 32.49 6.00 -23.03
N GLY A 153 31.81 7.13 -23.24
CA GLY A 153 31.80 7.77 -24.53
C GLY A 153 33.03 8.63 -24.71
N LYS A 154 33.35 8.98 -25.95
CA LYS A 154 34.49 9.84 -26.22
C LYS A 154 34.39 11.11 -25.40
N GLY A 155 35.49 11.49 -24.77
CA GLY A 155 35.53 12.70 -23.96
C GLY A 155 35.26 12.48 -22.49
N ALA A 156 34.62 11.36 -22.17
CA ALA A 156 34.28 11.04 -20.79
C ALA A 156 35.53 11.05 -19.91
N VAL A 157 36.64 10.55 -20.45
CA VAL A 157 37.89 10.51 -19.70
C VAL A 157 39.03 11.16 -20.47
N ASP A 158 39.86 11.92 -19.77
CA ASP A 158 41.04 12.52 -20.37
C ASP A 158 42.29 12.12 -19.59
N GLN A 159 43.42 12.72 -19.95
CA GLN A 159 44.70 12.37 -19.33
C GLN A 159 44.77 12.76 -17.85
N LEU A 160 43.79 13.52 -17.39
CA LEU A 160 43.77 13.99 -16.01
C LEU A 160 42.91 13.11 -15.11
N THR A 161 42.10 12.25 -15.73
CA THR A 161 41.25 11.32 -15.00
C THR A 161 42.10 10.43 -14.09
N ARG A 162 41.65 10.25 -12.86
CA ARG A 162 42.41 9.47 -11.88
C ARG A 162 41.53 8.43 -11.19
N LEU A 163 40.23 8.70 -11.14
CA LEU A 163 39.29 7.79 -10.49
C LEU A 163 37.97 7.73 -11.25
N VAL A 164 37.64 6.54 -11.75
CA VAL A 164 36.41 6.33 -12.48
C VAL A 164 35.55 5.28 -11.80
N LEU A 165 34.26 5.57 -11.67
CA LEU A 165 33.34 4.68 -10.99
C LEU A 165 32.30 4.13 -11.97
N VAL A 166 32.25 2.81 -12.08
CA VAL A 166 31.48 2.16 -13.13
C VAL A 166 30.55 1.06 -12.64
N ASN A 167 29.36 0.99 -13.23
CA ASN A 167 28.34 0.01 -12.87
C ASN A 167 27.44 -0.28 -14.07
N ALA A 168 27.33 -1.54 -14.44
CA ALA A 168 26.54 -1.92 -15.60
C ALA A 168 25.72 -3.18 -15.35
N LEU A 169 24.50 -3.19 -15.84
CA LEU A 169 23.61 -4.33 -15.67
C LEU A 169 22.86 -4.62 -16.95
N TYR A 170 22.58 -5.90 -17.17
CA TYR A 170 21.74 -6.32 -18.28
C TYR A 170 20.76 -7.36 -17.80
N PHE A 171 19.49 -7.20 -18.18
CA PHE A 171 18.47 -8.14 -17.79
C PHE A 171 17.48 -8.39 -18.92
N ASN A 172 17.39 -9.65 -19.33
CA ASN A 172 16.37 -10.10 -20.26
C ASN A 172 15.73 -11.34 -19.66
N GLY A 173 14.79 -11.13 -18.75
CA GLY A 173 14.17 -12.22 -18.02
C GLY A 173 13.09 -12.93 -18.80
N GLN A 174 12.80 -14.16 -18.40
CA GLN A 174 11.77 -14.98 -19.03
C GLN A 174 10.57 -15.14 -18.10
N PHE A 175 9.41 -14.70 -18.56
CA PHE A 175 8.21 -14.73 -17.73
C PHE A 175 7.78 -16.15 -17.38
N LYS A 176 7.23 -16.31 -16.18
CA LYS A 176 6.68 -17.58 -15.73
C LYS A 176 5.58 -18.04 -16.67
N THR A 177 4.71 -17.12 -17.06
CA THR A 177 3.70 -17.38 -18.09
C THR A 177 3.96 -16.44 -19.26
N PRO A 178 4.48 -16.98 -20.36
CA PRO A 178 4.92 -16.19 -21.52
C PRO A 178 3.76 -15.60 -22.32
N PHE A 179 4.03 -14.50 -23.01
CA PHE A 179 3.08 -13.92 -23.95
C PHE A 179 3.16 -14.65 -25.28
N PRO A 180 2.00 -15.00 -25.86
CA PRO A 180 1.97 -15.67 -27.17
C PRO A 180 2.52 -14.76 -28.25
N ASP A 181 3.54 -15.22 -28.98
CA ASP A 181 4.07 -14.48 -30.12
C ASP A 181 2.97 -13.97 -31.04
N SER A 182 1.95 -14.81 -31.26
CA SER A 182 0.91 -14.49 -32.23
C SER A 182 0.13 -13.24 -31.83
N SER A 183 0.06 -12.98 -30.53
CA SER A 183 -0.74 -11.88 -30.02
C SER A 183 -0.02 -10.54 -30.12
N THR A 184 1.29 -10.57 -30.34
CA THR A 184 2.07 -9.35 -30.48
C THR A 184 1.74 -8.63 -31.78
N HIS A 185 1.32 -7.37 -31.65
CA HIS A 185 0.86 -6.58 -32.78
C HIS A 185 1.26 -5.13 -32.56
N ARG A 186 1.12 -4.31 -33.59
CA ARG A 186 1.39 -2.89 -33.48
C ARG A 186 0.18 -2.21 -32.85
N ARG A 187 0.42 -1.37 -31.86
CA ARG A 187 -0.67 -0.69 -31.17
C ARG A 187 -0.32 0.76 -30.81
N LEU A 188 -1.34 1.60 -30.70
CA LEU A 188 -1.14 3.01 -30.44
C LEU A 188 -0.74 3.28 -28.99
N PHE A 189 0.37 3.97 -28.81
CA PHE A 189 0.85 4.35 -27.48
C PHE A 189 0.72 5.85 -27.30
N HIS A 190 0.12 6.27 -26.19
CA HIS A 190 -0.07 7.69 -25.91
C HIS A 190 1.05 8.23 -25.03
N LYS A 191 1.80 9.19 -25.57
CA LYS A 191 2.91 9.79 -24.84
C LYS A 191 2.44 10.97 -24.00
N SER A 192 3.19 11.30 -22.96
CA SER A 192 2.78 12.31 -21.99
C SER A 192 2.44 13.66 -22.62
N ASP A 193 3.09 13.99 -23.75
CA ASP A 193 2.85 15.26 -24.40
C ASP A 193 1.57 15.27 -25.23
N GLY A 194 0.87 14.15 -25.25
CA GLY A 194 -0.39 14.06 -25.97
C GLY A 194 -0.28 13.43 -27.35
N SER A 195 0.94 13.33 -27.87
CA SER A 195 1.17 12.70 -29.17
C SER A 195 1.09 11.19 -29.04
N THR A 196 1.17 10.49 -30.16
CA THR A 196 1.03 9.04 -30.17
C THR A 196 1.95 8.37 -31.19
N VAL A 197 2.51 7.23 -30.81
CA VAL A 197 3.29 6.40 -31.73
C VAL A 197 2.79 4.96 -31.71
N SER A 198 2.93 4.28 -32.85
CA SER A 198 2.49 2.89 -32.97
C SER A 198 3.66 1.95 -32.66
N VAL A 199 3.52 1.18 -31.57
CA VAL A 199 4.60 0.31 -31.12
C VAL A 199 4.13 -1.12 -30.85
N PRO A 200 5.06 -2.09 -30.96
CA PRO A 200 4.79 -3.50 -30.65
C PRO A 200 4.28 -3.70 -29.23
N MET A 201 3.07 -4.21 -29.09
CA MET A 201 2.55 -4.54 -27.77
C MET A 201 2.19 -6.02 -27.67
N MET A 202 2.51 -6.60 -26.53
CA MET A 202 2.19 -8.00 -26.27
C MET A 202 0.80 -8.10 -25.65
N ALA A 203 0.11 -9.20 -25.93
CA ALA A 203 -1.23 -9.40 -25.39
C ALA A 203 -1.37 -10.80 -24.82
N GLN A 204 -1.96 -10.89 -23.62
CA GLN A 204 -2.17 -12.17 -22.98
C GLN A 204 -3.32 -12.10 -22.00
N THR A 205 -4.27 -13.02 -22.15
CA THR A 205 -5.31 -13.20 -21.17
C THR A 205 -4.87 -14.29 -20.20
N ASN A 206 -4.94 -14.00 -18.92
CA ASN A 206 -4.52 -14.95 -17.90
C ASN A 206 -4.95 -14.47 -16.52
N LYS A 207 -4.73 -15.31 -15.51
CA LYS A 207 -5.00 -14.91 -14.14
C LYS A 207 -3.78 -14.20 -13.56
N PHE A 208 -3.69 -12.90 -13.80
CA PHE A 208 -2.53 -12.12 -13.40
C PHE A 208 -2.61 -11.64 -11.95
N ASN A 209 -1.45 -11.47 -11.32
CA ASN A 209 -1.37 -10.77 -10.07
C ASN A 209 -1.69 -9.30 -10.30
N TYR A 210 -2.70 -8.79 -9.62
CA TYR A 210 -3.11 -7.41 -9.81
C TYR A 210 -3.65 -6.81 -8.53
N THR A 211 -3.54 -5.49 -8.44
CA THR A 211 -4.13 -4.73 -7.34
C THR A 211 -4.07 -3.25 -7.69
N GLU A 212 -4.87 -2.45 -7.00
CA GLU A 212 -4.93 -1.02 -7.28
C GLU A 212 -4.66 -0.21 -6.01
N PHE A 213 -3.80 0.80 -6.14
CA PHE A 213 -3.52 1.71 -5.04
C PHE A 213 -3.95 3.11 -5.44
N THR A 214 -4.09 3.99 -4.45
CA THR A 214 -4.33 5.40 -4.73
C THR A 214 -3.08 6.22 -4.43
N THR A 215 -2.91 7.32 -5.16
CA THR A 215 -1.93 8.31 -4.79
C THR A 215 -2.50 9.09 -3.62
N PRO A 216 -1.64 9.77 -2.84
CA PRO A 216 -2.16 10.54 -1.70
C PRO A 216 -3.31 11.47 -2.13
N ASP A 217 -3.18 12.09 -3.30
CA ASP A 217 -4.20 13.02 -3.78
C ASP A 217 -5.43 12.33 -4.36
N GLY A 218 -5.42 11.00 -4.34
CA GLY A 218 -6.63 10.23 -4.65
C GLY A 218 -6.71 9.63 -6.03
N HIS A 219 -5.63 9.65 -6.77
CA HIS A 219 -5.63 9.06 -8.11
C HIS A 219 -5.32 7.58 -8.07
N TYR A 220 -6.20 6.79 -8.66
CA TYR A 220 -6.02 5.34 -8.70
C TYR A 220 -5.01 4.93 -9.76
N TYR A 221 -4.21 3.92 -9.46
CA TYR A 221 -3.26 3.39 -10.42
C TYR A 221 -3.18 1.87 -10.37
N ASP A 222 -2.97 1.27 -11.54
CA ASP A 222 -2.90 -0.17 -11.66
C ASP A 222 -1.50 -0.66 -11.36
N ILE A 223 -1.41 -1.79 -10.67
CA ILE A 223 -0.15 -2.48 -10.49
C ILE A 223 -0.32 -3.95 -10.84
N LEU A 224 0.50 -4.44 -11.77
CA LEU A 224 0.52 -5.86 -12.07
C LEU A 224 1.89 -6.45 -11.77
N GLU A 225 1.89 -7.67 -11.22
CA GLU A 225 3.13 -8.40 -10.99
C GLU A 225 3.24 -9.52 -12.01
N LEU A 226 4.32 -9.51 -12.78
CA LEU A 226 4.62 -10.59 -13.71
C LEU A 226 5.83 -11.35 -13.20
N PRO A 227 5.59 -12.51 -12.58
CA PRO A 227 6.70 -13.32 -12.07
C PRO A 227 7.55 -13.92 -13.19
N TYR A 228 8.82 -14.21 -12.89
CA TYR A 228 9.71 -14.84 -13.85
C TYR A 228 9.82 -16.32 -13.55
N HIS A 229 10.14 -17.11 -14.57
CA HIS A 229 10.06 -18.56 -14.48
C HIS A 229 10.84 -19.15 -13.30
N GLY A 230 11.81 -18.40 -12.80
CA GLY A 230 12.64 -18.85 -11.69
C GLY A 230 11.96 -18.74 -10.34
N ASP A 231 10.77 -18.14 -10.32
CA ASP A 231 9.99 -18.00 -9.09
C ASP A 231 10.73 -17.20 -8.04
N THR A 232 11.65 -16.36 -8.49
CA THR A 232 12.46 -15.57 -7.58
C THR A 232 12.28 -14.08 -7.85
N LEU A 233 12.23 -13.72 -9.12
CA LEU A 233 12.08 -12.34 -9.53
C LEU A 233 10.69 -12.07 -10.10
N SER A 234 10.27 -10.81 -10.04
CA SER A 234 8.99 -10.40 -10.58
C SER A 234 9.12 -9.00 -11.17
N MET A 235 8.45 -8.75 -12.28
CA MET A 235 8.32 -7.39 -12.77
C MET A 235 7.01 -6.81 -12.27
N PHE A 236 7.07 -5.56 -11.82
CA PHE A 236 5.86 -4.85 -11.44
C PHE A 236 5.62 -3.73 -12.44
N ILE A 237 4.43 -3.75 -13.04
CA ILE A 237 4.04 -2.70 -13.97
C ILE A 237 3.02 -1.82 -13.28
N ALA A 238 3.29 -0.52 -13.22
CA ALA A 238 2.38 0.41 -12.57
C ALA A 238 2.19 1.68 -13.38
N ALA A 239 0.95 2.15 -13.45
CA ALA A 239 0.64 3.41 -14.12
C ALA A 239 -0.74 3.88 -13.69
N PRO A 240 -0.94 5.20 -13.69
CA PRO A 240 -2.25 5.76 -13.35
C PRO A 240 -3.32 5.28 -14.32
N TYR A 241 -4.51 4.99 -13.80
CA TYR A 241 -5.64 4.58 -14.62
C TYR A 241 -6.04 5.69 -15.60
N GLU A 242 -6.08 6.92 -15.11
CA GLU A 242 -6.43 8.07 -15.92
C GLU A 242 -5.19 8.60 -16.66
N LYS A 243 -5.28 8.65 -17.98
CA LYS A 243 -4.15 9.11 -18.80
C LYS A 243 -3.76 10.54 -18.49
N GLU A 244 -4.73 11.35 -18.08
CA GLU A 244 -4.47 12.75 -17.75
C GLU A 244 -3.53 12.91 -16.56
N VAL A 245 -3.45 11.88 -15.73
CA VAL A 245 -2.54 11.88 -14.59
C VAL A 245 -1.14 11.46 -15.02
N PRO A 246 -0.16 12.34 -14.83
CA PRO A 246 1.21 12.06 -15.25
C PRO A 246 1.83 10.92 -14.45
N LEU A 247 2.75 10.20 -15.05
CA LEU A 247 3.42 9.08 -14.39
C LEU A 247 4.18 9.57 -13.15
N SER A 248 4.61 10.84 -13.19
CA SER A 248 5.38 11.43 -12.11
C SER A 248 4.66 11.32 -10.77
N ALA A 249 3.33 11.28 -10.81
CA ALA A 249 2.52 11.16 -9.60
C ALA A 249 2.80 9.84 -8.88
N LEU A 250 3.35 8.87 -9.59
CA LEU A 250 3.73 7.60 -9.00
C LEU A 250 5.18 7.60 -8.58
N THR A 251 6.05 8.10 -9.46
CA THR A 251 7.48 8.10 -9.21
C THR A 251 7.85 8.86 -7.93
N ASN A 252 7.09 9.92 -7.64
CA ASN A 252 7.39 10.77 -6.51
C ASN A 252 6.97 10.21 -5.16
N ILE A 253 6.12 9.19 -5.17
CA ILE A 253 5.68 8.52 -3.94
C ILE A 253 6.31 7.14 -3.85
N LEU A 254 7.09 6.78 -4.87
CA LEU A 254 7.70 5.46 -4.94
C LEU A 254 8.65 5.22 -3.78
N SER A 255 8.65 3.98 -3.28
CA SER A 255 9.61 3.56 -2.26
C SER A 255 9.72 2.05 -2.28
N ALA A 256 10.82 1.53 -1.75
CA ALA A 256 11.01 0.10 -1.64
C ALA A 256 9.86 -0.51 -0.85
N GLN A 257 9.42 0.19 0.18
CA GLN A 257 8.35 -0.27 1.06
C GLN A 257 6.98 -0.30 0.36
N LEU A 258 6.71 0.70 -0.47
CA LEU A 258 5.47 0.74 -1.22
C LEU A 258 5.34 -0.48 -2.13
N ILE A 259 6.42 -0.81 -2.82
CA ILE A 259 6.46 -1.95 -3.72
C ILE A 259 6.13 -3.25 -2.97
N SER A 260 6.61 -3.35 -1.73
CA SER A 260 6.31 -4.51 -0.89
C SER A 260 4.81 -4.60 -0.60
N HIS A 261 4.19 -3.45 -0.39
CA HIS A 261 2.75 -3.40 -0.16
C HIS A 261 1.98 -3.79 -1.41
N TRP A 262 2.49 -3.37 -2.57
CA TRP A 262 1.89 -3.77 -3.85
C TRP A 262 1.80 -5.29 -3.91
N LYS A 263 2.95 -5.94 -3.71
CA LYS A 263 3.04 -7.39 -3.71
C LYS A 263 2.03 -8.00 -2.75
N GLY A 264 2.08 -7.56 -1.49
CA GLY A 264 1.21 -8.10 -0.46
C GLY A 264 -0.27 -7.91 -0.71
N ASN A 265 -0.63 -7.00 -1.61
CA ASN A 265 -2.04 -6.75 -1.90
C ASN A 265 -2.50 -7.32 -3.25
N MET A 266 -1.62 -8.06 -3.90
CA MET A 266 -1.94 -8.70 -5.17
C MET A 266 -2.95 -9.82 -4.99
N THR A 267 -3.92 -9.88 -5.90
CA THR A 267 -4.79 -11.04 -6.00
C THR A 267 -4.84 -11.47 -7.46
N ARG A 268 -4.96 -12.77 -7.71
CA ARG A 268 -5.04 -13.27 -9.08
C ARG A 268 -6.44 -13.15 -9.64
N LEU A 269 -6.55 -12.61 -10.85
CA LEU A 269 -7.84 -12.35 -11.46
C LEU A 269 -7.72 -12.50 -12.97
N PRO A 270 -8.76 -13.07 -13.61
CA PRO A 270 -8.78 -13.19 -15.07
C PRO A 270 -8.67 -11.81 -15.72
N ARG A 271 -7.52 -11.54 -16.33
CA ARG A 271 -7.28 -10.26 -16.97
C ARG A 271 -6.78 -10.45 -18.39
N LEU A 272 -6.96 -9.43 -19.21
CA LEU A 272 -6.28 -9.34 -20.49
C LEU A 272 -5.24 -8.23 -20.37
N LEU A 273 -3.96 -8.60 -20.48
CA LEU A 273 -2.89 -7.62 -20.37
C LEU A 273 -2.28 -7.30 -21.73
N VAL A 274 -2.33 -6.03 -22.09
CA VAL A 274 -1.62 -5.56 -23.28
C VAL A 274 -0.45 -4.69 -22.83
N LEU A 275 0.76 -5.21 -23.04
CA LEU A 275 1.96 -4.61 -22.50
C LEU A 275 2.99 -4.42 -23.60
N PRO A 276 3.42 -3.16 -23.82
CA PRO A 276 4.35 -2.91 -24.92
C PRO A 276 5.62 -3.72 -24.77
N LYS A 277 6.01 -4.40 -25.84
CA LYS A 277 7.31 -5.04 -25.91
C LYS A 277 8.33 -3.91 -26.01
N PHE A 278 9.38 -3.96 -25.22
CA PHE A 278 10.35 -2.87 -25.25
C PHE A 278 11.77 -3.28 -24.86
N SER A 279 12.74 -2.45 -25.26
CA SER A 279 14.14 -2.69 -24.98
C SER A 279 14.81 -1.35 -24.65
N LEU A 280 15.06 -1.12 -23.36
CA LEU A 280 15.63 0.14 -22.91
C LEU A 280 17.10 0.00 -22.52
N GLU A 281 17.92 0.89 -23.06
CA GLU A 281 19.29 1.03 -22.59
C GLU A 281 19.47 2.48 -22.15
N THR A 282 20.06 2.67 -20.98
CA THR A 282 20.21 4.01 -20.43
C THR A 282 21.51 4.10 -19.66
N GLU A 283 22.25 5.17 -19.91
CA GLU A 283 23.39 5.51 -19.08
C GLU A 283 23.02 6.70 -18.23
N VAL A 284 23.16 6.55 -16.92
CA VAL A 284 22.92 7.65 -16.01
C VAL A 284 24.24 8.14 -15.43
N ASP A 285 24.48 9.44 -15.57
CA ASP A 285 25.58 10.08 -14.88
C ASP A 285 25.12 10.31 -13.44
N LEU A 286 25.72 9.56 -12.52
CA LEU A 286 25.29 9.57 -11.13
C LEU A 286 25.65 10.85 -10.37
N ARG A 287 26.49 11.69 -10.96
CA ARG A 287 26.98 12.88 -10.26
C ARG A 287 25.85 13.75 -9.69
N LYS A 288 25.08 14.37 -10.58
CA LYS A 288 24.04 15.30 -10.16
C LYS A 288 23.02 14.67 -9.21
N PRO A 289 22.50 13.47 -9.55
CA PRO A 289 21.58 12.80 -8.63
C PRO A 289 22.19 12.63 -7.23
N LEU A 290 23.41 12.11 -7.17
CA LEU A 290 24.08 11.90 -5.89
C LEU A 290 24.39 13.21 -5.16
N GLU A 291 24.76 14.24 -5.92
CA GLU A 291 24.99 15.56 -5.33
C GLU A 291 23.72 16.07 -4.68
N ASN A 292 22.59 15.89 -5.37
CA ASN A 292 21.29 16.26 -4.83
C ASN A 292 21.02 15.61 -3.48
N LEU A 293 21.58 14.43 -3.26
CA LEU A 293 21.38 13.69 -2.02
C LEU A 293 22.47 13.93 -0.99
N GLY A 294 23.24 15.00 -1.18
CA GLY A 294 24.21 15.44 -0.20
C GLY A 294 25.64 14.97 -0.42
N MET A 295 25.86 14.14 -1.43
CA MET A 295 27.19 13.60 -1.71
C MET A 295 27.91 14.41 -2.78
N THR A 296 28.51 15.52 -2.37
CA THR A 296 29.13 16.44 -3.31
C THR A 296 30.66 16.36 -3.29
N ASP A 297 31.22 16.12 -2.11
CA ASP A 297 32.66 16.09 -1.93
C ASP A 297 33.39 15.19 -2.91
N MET A 298 32.80 14.02 -3.18
CA MET A 298 33.46 12.97 -3.95
C MET A 298 33.80 13.35 -5.38
N PHE A 299 33.16 14.39 -5.90
CA PHE A 299 33.38 14.80 -7.29
C PHE A 299 34.30 16.00 -7.40
N ARG A 300 34.61 16.63 -6.27
CA ARG A 300 35.42 17.85 -6.25
C ARG A 300 36.89 17.54 -6.00
N GLN A 301 37.74 17.95 -6.94
CA GLN A 301 39.14 17.53 -6.97
C GLN A 301 39.87 17.49 -5.63
N PHE A 302 40.07 18.65 -5.01
CA PHE A 302 40.91 18.72 -3.82
C PHE A 302 40.13 18.60 -2.52
N GLN A 303 38.81 18.65 -2.62
CA GLN A 303 37.94 18.50 -1.46
C GLN A 303 37.54 17.05 -1.24
N ALA A 304 37.70 16.22 -2.27
CA ALA A 304 37.36 14.81 -2.18
C ALA A 304 38.34 14.06 -1.28
N ASP A 305 37.80 13.29 -0.33
CA ASP A 305 38.62 12.53 0.60
C ASP A 305 38.53 11.04 0.33
N PHE A 306 39.52 10.52 -0.40
CA PHE A 306 39.64 9.08 -0.65
C PHE A 306 40.90 8.53 0.00
N THR A 307 41.16 8.97 1.23
CA THR A 307 42.40 8.67 1.93
C THR A 307 42.55 7.22 2.37
N SER A 308 41.46 6.46 2.29
CA SER A 308 41.51 5.04 2.63
C SER A 308 42.08 4.25 1.46
N LEU A 309 41.87 4.77 0.25
CA LEU A 309 42.38 4.15 -0.96
C LEU A 309 43.80 4.64 -1.25
N SER A 310 44.03 5.93 -1.01
CA SER A 310 45.34 6.53 -1.24
C SER A 310 45.44 7.85 -0.47
N ASP A 311 46.30 7.87 0.54
CA ASP A 311 46.52 9.08 1.32
C ASP A 311 47.73 9.86 0.84
N GLN A 312 48.40 9.32 -0.18
CA GLN A 312 49.65 9.90 -0.66
C GLN A 312 49.46 10.79 -1.88
N GLU A 313 48.22 10.95 -2.33
CA GLU A 313 47.96 11.72 -3.54
C GLU A 313 46.46 11.92 -3.73
N PRO A 314 46.04 13.18 -3.94
CA PRO A 314 44.63 13.57 -4.04
C PRO A 314 43.87 12.74 -5.07
N LEU A 315 42.60 12.47 -4.78
CA LEU A 315 41.73 11.75 -5.70
C LEU A 315 40.32 12.31 -5.67
N HIS A 316 39.61 12.17 -6.79
CA HIS A 316 38.22 12.55 -6.86
C HIS A 316 37.59 11.82 -8.04
N VAL A 317 36.30 11.53 -7.95
CA VAL A 317 35.61 10.82 -9.00
C VAL A 317 35.41 11.68 -10.25
N ALA A 318 36.04 11.27 -11.34
CA ALA A 318 35.88 11.97 -12.62
C ALA A 318 34.58 11.53 -13.27
N GLN A 319 34.29 10.23 -13.17
CA GLN A 319 33.08 9.67 -13.73
C GLN A 319 32.48 8.65 -12.78
N ALA A 320 31.18 8.80 -12.51
CA ALA A 320 30.42 7.80 -11.78
C ALA A 320 29.20 7.44 -12.63
N LEU A 321 29.30 6.34 -13.36
CA LEU A 321 28.33 6.01 -14.40
C LEU A 321 27.66 4.65 -14.24
N GLN A 322 26.34 4.63 -14.38
CA GLN A 322 25.61 3.38 -14.45
C GLN A 322 24.94 3.26 -15.81
N LYS A 323 25.07 2.09 -16.44
CA LYS A 323 24.41 1.83 -17.71
C LYS A 323 23.66 0.50 -17.65
N VAL A 324 22.37 0.54 -17.94
CA VAL A 324 21.53 -0.65 -17.81
C VAL A 324 20.70 -0.92 -19.07
N LYS A 325 20.64 -2.18 -19.46
CA LYS A 325 19.82 -2.60 -20.58
C LYS A 325 18.76 -3.58 -20.07
N ILE A 326 17.51 -3.30 -20.38
CA ILE A 326 16.41 -4.19 -20.01
C ILE A 326 15.58 -4.52 -21.25
N GLU A 327 15.27 -5.80 -21.42
CA GLU A 327 14.43 -6.22 -22.53
C GLU A 327 13.20 -6.99 -22.03
N VAL A 328 12.03 -6.43 -22.32
CA VAL A 328 10.78 -7.11 -22.03
C VAL A 328 10.20 -7.66 -23.33
N ASN A 329 10.07 -8.98 -23.39
CA ASN A 329 9.53 -9.63 -24.58
C ASN A 329 8.69 -10.85 -24.26
N GLU A 330 8.18 -11.50 -25.30
CA GLU A 330 7.24 -12.61 -25.14
C GLU A 330 7.78 -13.73 -24.23
N SER A 331 9.10 -13.88 -24.20
CA SER A 331 9.75 -14.90 -23.38
C SER A 331 9.42 -16.31 -23.90
N ALA A 348 -15.58 -12.74 -20.74
CA ALA A 348 -15.16 -11.36 -20.91
C ALA A 348 -14.40 -10.85 -19.68
N PRO A 349 -13.06 -10.88 -19.75
CA PRO A 349 -12.19 -10.45 -18.65
C PRO A 349 -11.85 -8.96 -18.71
N GLU A 350 -11.66 -8.36 -17.55
CA GLU A 350 -11.22 -6.96 -17.46
C GLU A 350 -9.97 -6.74 -18.31
N GLU A 351 -9.85 -5.53 -18.87
CA GLU A 351 -8.79 -5.25 -19.84
C GLU A 351 -7.81 -4.20 -19.34
N ILE A 352 -6.55 -4.59 -19.19
CA ILE A 352 -5.49 -3.67 -18.78
C ILE A 352 -4.55 -3.36 -19.95
N ILE A 353 -4.59 -2.13 -20.42
CA ILE A 353 -3.80 -1.73 -21.58
C ILE A 353 -2.75 -0.70 -21.20
N MET A 354 -1.48 -1.10 -21.20
CA MET A 354 -0.38 -0.18 -20.89
C MET A 354 0.00 0.64 -22.12
N ASP A 355 -0.95 1.42 -22.63
CA ASP A 355 -0.71 2.26 -23.81
C ASP A 355 -0.32 3.68 -23.42
N ARG A 356 0.21 3.81 -22.21
CA ARG A 356 0.63 5.10 -21.69
C ARG A 356 1.90 4.92 -20.88
N PRO A 357 2.64 6.02 -20.63
CA PRO A 357 3.87 5.96 -19.84
C PRO A 357 3.65 5.22 -18.52
N PHE A 358 4.53 4.29 -18.18
CA PHE A 358 4.38 3.47 -17.00
C PHE A 358 5.71 3.14 -16.33
N LEU A 359 5.65 2.88 -15.02
CA LEU A 359 6.81 2.42 -14.28
C LEU A 359 6.90 0.89 -14.33
N PHE A 360 8.11 0.39 -14.24
CA PHE A 360 8.31 -1.04 -14.00
C PHE A 360 9.32 -1.20 -12.88
N VAL A 361 9.19 -2.29 -12.13
CA VAL A 361 10.15 -2.62 -11.09
C VAL A 361 10.47 -4.10 -11.16
N VAL A 362 11.75 -4.43 -11.22
CA VAL A 362 12.17 -5.82 -11.12
C VAL A 362 12.61 -6.07 -9.69
N ARG A 363 12.05 -7.12 -9.08
CA ARG A 363 12.22 -7.34 -7.66
C ARG A 363 12.63 -8.77 -7.37
N HIS A 364 13.63 -8.91 -6.50
CA HIS A 364 13.97 -10.20 -5.95
C HIS A 364 13.14 -10.34 -4.68
N ASN A 365 12.17 -11.26 -4.71
CA ASN A 365 11.19 -11.33 -3.64
C ASN A 365 11.69 -11.95 -2.33
N PRO A 366 12.47 -13.03 -2.41
CA PRO A 366 13.02 -13.62 -1.19
C PRO A 366 13.77 -12.59 -0.32
N THR A 367 14.49 -11.67 -0.95
CA THR A 367 15.25 -10.67 -0.20
C THR A 367 14.56 -9.31 -0.17
N GLY A 368 13.68 -9.06 -1.13
CA GLY A 368 12.98 -7.78 -1.22
C GLY A 368 13.83 -6.71 -1.87
N THR A 369 14.78 -7.13 -2.70
CA THR A 369 15.69 -6.19 -3.35
C THR A 369 15.12 -5.60 -4.64
N VAL A 370 15.24 -4.29 -4.78
CA VAL A 370 14.83 -3.62 -6.02
C VAL A 370 16.01 -3.57 -7.00
N LEU A 371 16.06 -4.55 -7.90
CA LEU A 371 17.16 -4.68 -8.84
C LEU A 371 17.06 -3.67 -9.97
N PHE A 372 15.87 -3.53 -10.54
CA PHE A 372 15.68 -2.59 -11.63
C PHE A 372 14.42 -1.77 -11.42
N MET A 373 14.46 -0.57 -11.97
CA MET A 373 13.36 0.35 -11.87
C MET A 373 13.49 1.23 -13.09
N GLY A 374 12.36 1.58 -13.68
CA GLY A 374 12.41 2.42 -14.85
C GLY A 374 11.06 3.03 -15.16
N GLN A 375 11.08 4.04 -16.02
CA GLN A 375 9.86 4.57 -16.57
C GLN A 375 9.94 4.41 -18.08
N VAL A 376 8.89 3.83 -18.66
CA VAL A 376 8.78 3.78 -20.11
C VAL A 376 7.90 4.94 -20.56
N MET A 377 8.55 6.02 -20.98
CA MET A 377 7.82 7.21 -21.43
C MET A 377 7.46 7.10 -22.89
N GLU A 378 8.23 6.28 -23.61
CA GLU A 378 7.97 5.99 -25.02
C GLU A 378 8.63 4.68 -25.40
N PRO A 379 7.84 3.60 -25.52
CA PRO A 379 8.36 2.26 -25.79
C PRO A 379 9.29 2.24 -26.99
N VAL B 1 -11.62 1.44 -7.42
CA VAL B 1 -12.96 1.98 -7.66
C VAL B 1 -13.42 1.82 -9.11
N HIS B 2 -12.48 1.69 -10.03
CA HIS B 2 -12.81 1.51 -11.45
C HIS B 2 -13.01 0.04 -11.81
N HIS B 3 -13.51 -0.73 -10.84
CA HIS B 3 -13.84 -2.13 -11.07
C HIS B 3 -15.13 -2.51 -10.35
N PRO B 4 -15.90 -3.45 -10.93
CA PRO B 4 -17.19 -3.91 -10.40
C PRO B 4 -17.21 -4.20 -8.89
N PRO B 5 -16.16 -4.83 -8.36
CA PRO B 5 -16.14 -5.07 -6.90
C PRO B 5 -16.26 -3.77 -6.10
N SER B 6 -16.07 -2.64 -6.77
CA SER B 6 -16.16 -1.33 -6.13
C SER B 6 -17.58 -0.82 -6.09
N TYR B 7 -18.38 -1.20 -7.08
CA TYR B 7 -19.78 -0.80 -7.12
C TYR B 7 -20.51 -1.36 -5.92
N VAL B 8 -20.37 -2.66 -5.69
CA VAL B 8 -21.00 -3.30 -4.55
C VAL B 8 -20.39 -2.77 -3.26
N ALA B 9 -19.09 -2.52 -3.29
CA ALA B 9 -18.40 -1.92 -2.15
C ALA B 9 -19.03 -0.58 -1.82
N HIS B 10 -19.30 0.22 -2.86
CA HIS B 10 -19.87 1.55 -2.68
C HIS B 10 -21.31 1.46 -2.18
N LEU B 11 -22.05 0.49 -2.71
CA LEU B 11 -23.42 0.22 -2.26
C LEU B 11 -23.42 -0.17 -0.80
N ALA B 12 -22.49 -1.06 -0.43
CA ALA B 12 -22.33 -1.50 0.95
C ALA B 12 -22.00 -0.35 1.88
N SER B 13 -21.01 0.44 1.51
CA SER B 13 -20.57 1.56 2.33
C SER B 13 -21.68 2.60 2.52
N ASP B 14 -22.29 3.04 1.42
CA ASP B 14 -23.37 4.02 1.50
C ASP B 14 -24.53 3.54 2.38
N PHE B 15 -24.84 2.26 2.32
CA PHE B 15 -25.87 1.71 3.19
C PHE B 15 -25.41 1.78 4.64
N GLY B 16 -24.18 1.35 4.89
CA GLY B 16 -23.61 1.38 6.22
C GLY B 16 -23.55 2.77 6.81
N VAL B 17 -23.19 3.75 5.98
CA VAL B 17 -23.12 5.14 6.42
C VAL B 17 -24.49 5.65 6.82
N ARG B 18 -25.49 5.38 5.97
CA ARG B 18 -26.86 5.77 6.26
C ARG B 18 -27.34 5.13 7.55
N VAL B 19 -26.89 3.90 7.81
CA VAL B 19 -27.17 3.24 9.07
C VAL B 19 -26.49 3.98 10.21
N PHE B 20 -25.23 4.33 10.00
CA PHE B 20 -24.47 5.08 11.00
C PHE B 20 -25.19 6.39 11.34
N GLN B 21 -25.58 7.13 10.30
CA GLN B 21 -26.28 8.39 10.50
C GLN B 21 -27.46 8.25 11.47
N GLN B 22 -28.17 7.13 11.37
CA GLN B 22 -29.30 6.86 12.27
C GLN B 22 -28.82 6.63 13.70
N VAL B 23 -27.73 5.88 13.84
CA VAL B 23 -27.14 5.62 15.14
C VAL B 23 -26.71 6.92 15.83
N ALA B 24 -26.07 7.80 15.06
CA ALA B 24 -25.56 9.06 15.59
C ALA B 24 -26.70 9.99 16.00
N GLN B 25 -27.68 10.15 15.14
CA GLN B 25 -28.83 11.02 15.42
C GLN B 25 -29.56 10.61 16.71
N ALA B 26 -29.42 9.35 17.09
CA ALA B 26 -30.10 8.82 18.27
C ALA B 26 -29.28 9.00 19.55
N SER B 27 -27.96 9.12 19.40
CA SER B 27 -27.08 9.40 20.52
C SER B 27 -26.03 10.43 20.11
N LYS B 28 -26.51 11.63 19.79
CA LYS B 28 -25.67 12.69 19.24
C LYS B 28 -24.69 13.28 20.25
N ASP B 29 -24.79 12.85 21.49
CA ASP B 29 -23.94 13.42 22.56
C ASP B 29 -22.92 12.44 23.13
N ARG B 30 -22.85 11.23 22.59
CA ARG B 30 -21.95 10.22 23.13
C ARG B 30 -21.04 9.57 22.09
N ASN B 31 -19.90 9.06 22.56
CA ASN B 31 -18.95 8.36 21.72
C ASN B 31 -19.57 7.18 21.00
N VAL B 32 -19.46 7.19 19.66
CA VAL B 32 -19.94 6.08 18.86
C VAL B 32 -18.82 5.57 17.96
N VAL B 33 -18.69 4.25 17.87
CA VAL B 33 -17.84 3.63 16.87
C VAL B 33 -18.62 2.54 16.16
N PHE B 34 -18.65 2.61 14.82
CA PHE B 34 -19.55 1.79 14.02
C PHE B 34 -18.82 1.23 12.80
N SER B 35 -19.34 0.14 12.25
CA SER B 35 -18.79 -0.42 11.02
C SER B 35 -19.84 -0.45 9.91
N PRO B 36 -19.81 0.55 9.02
CA PRO B 36 -20.70 0.58 7.87
C PRO B 36 -20.53 -0.66 6.99
N TYR B 37 -19.30 -1.10 6.80
CA TYR B 37 -19.05 -2.29 6.02
C TYR B 37 -19.58 -3.53 6.72
N GLY B 38 -19.41 -3.57 8.04
CA GLY B 38 -19.88 -4.70 8.83
C GLY B 38 -21.37 -4.89 8.74
N VAL B 39 -22.12 -3.83 9.02
CA VAL B 39 -23.57 -3.90 9.02
C VAL B 39 -24.09 -4.25 7.62
N ALA B 40 -23.41 -3.74 6.60
CA ALA B 40 -23.78 -4.04 5.23
C ALA B 40 -23.52 -5.50 4.92
N SER B 41 -22.35 -5.97 5.33
CA SER B 41 -21.92 -7.34 5.05
C SER B 41 -22.88 -8.36 5.66
N VAL B 42 -23.26 -8.11 6.91
CA VAL B 42 -24.05 -9.06 7.67
C VAL B 42 -25.54 -9.01 7.31
N LEU B 43 -26.01 -7.87 6.81
CA LEU B 43 -27.39 -7.78 6.35
C LEU B 43 -27.54 -8.34 4.94
N ALA B 44 -26.44 -8.41 4.21
CA ALA B 44 -26.43 -9.08 2.92
C ALA B 44 -26.69 -10.56 3.16
N MET B 45 -26.07 -11.10 4.20
CA MET B 45 -26.30 -12.48 4.60
C MET B 45 -27.76 -12.69 4.97
N LEU B 46 -28.32 -11.73 5.69
CA LEU B 46 -29.68 -11.83 6.19
C LEU B 46 -30.72 -11.84 5.06
N GLN B 47 -30.35 -11.30 3.90
CA GLN B 47 -31.24 -11.33 2.75
C GLN B 47 -31.59 -12.77 2.38
N LEU B 48 -30.58 -13.63 2.42
CA LEU B 48 -30.70 -15.01 2.00
C LEU B 48 -31.68 -15.80 2.88
N THR B 49 -31.98 -15.26 4.05
CA THR B 49 -32.84 -15.94 5.01
C THR B 49 -34.26 -15.39 5.00
N THR B 50 -34.51 -14.39 4.16
CA THR B 50 -35.79 -13.68 4.16
C THR B 50 -36.54 -13.78 2.84
N GLY B 51 -37.84 -13.54 2.92
CA GLY B 51 -38.68 -13.44 1.74
C GLY B 51 -39.72 -12.35 1.95
N GLY B 52 -40.75 -12.33 1.10
CA GLY B 52 -41.80 -11.34 1.20
C GLY B 52 -41.28 -9.91 1.23
N GLU B 53 -41.97 -9.05 1.97
CA GLU B 53 -41.60 -7.65 2.07
C GLU B 53 -40.48 -7.45 3.09
N THR B 54 -40.14 -8.50 3.83
CA THR B 54 -38.98 -8.46 4.70
C THR B 54 -37.72 -8.40 3.85
N GLN B 55 -37.60 -9.33 2.92
CA GLN B 55 -36.51 -9.32 1.96
C GLN B 55 -36.56 -8.05 1.13
N GLN B 56 -37.77 -7.62 0.80
CA GLN B 56 -37.98 -6.40 0.03
C GLN B 56 -37.39 -5.17 0.72
N GLN B 57 -37.78 -4.97 1.97
CA GLN B 57 -37.34 -3.80 2.72
C GLN B 57 -35.82 -3.72 2.77
N ILE B 58 -35.18 -4.86 3.00
CA ILE B 58 -33.72 -4.90 3.07
C ILE B 58 -33.12 -4.54 1.73
N GLN B 59 -33.55 -5.25 0.68
CA GLN B 59 -33.03 -5.02 -0.66
C GLN B 59 -33.29 -3.61 -1.15
N ALA B 60 -34.34 -2.98 -0.64
CA ALA B 60 -34.65 -1.60 -0.98
C ALA B 60 -33.68 -0.64 -0.29
N ALA B 61 -33.31 -0.96 0.94
CA ALA B 61 -32.43 -0.10 1.73
C ALA B 61 -30.97 -0.28 1.31
N MET B 62 -30.62 -1.48 0.88
CA MET B 62 -29.24 -1.79 0.53
C MET B 62 -28.93 -1.40 -0.91
N GLY B 63 -29.93 -1.52 -1.78
CA GLY B 63 -29.78 -1.11 -3.16
C GLY B 63 -29.36 -2.23 -4.08
N PHE B 64 -29.38 -3.46 -3.57
CA PHE B 64 -29.05 -4.62 -4.40
C PHE B 64 -29.55 -5.93 -3.81
N LYS B 65 -29.64 -6.95 -4.64
CA LYS B 65 -30.08 -8.26 -4.22
C LYS B 65 -28.89 -9.21 -4.16
N ILE B 66 -28.74 -9.89 -3.03
CA ILE B 66 -27.60 -10.78 -2.80
C ILE B 66 -27.57 -11.92 -3.81
N ASP B 67 -28.74 -12.30 -4.32
CA ASP B 67 -28.86 -13.43 -5.24
C ASP B 67 -28.57 -13.05 -6.68
N ASP B 68 -28.59 -11.76 -6.99
CA ASP B 68 -28.37 -11.29 -8.35
C ASP B 68 -26.96 -11.61 -8.84
N LYS B 69 -26.85 -11.97 -10.12
CA LYS B 69 -25.58 -12.40 -10.70
C LYS B 69 -24.41 -11.49 -10.36
N GLY B 70 -23.32 -12.09 -9.89
CA GLY B 70 -22.09 -11.37 -9.63
C GLY B 70 -22.01 -10.70 -8.28
N MET B 71 -23.16 -10.54 -7.62
CA MET B 71 -23.24 -9.78 -6.38
C MET B 71 -22.47 -10.45 -5.24
N ALA B 72 -22.79 -11.72 -4.97
CA ALA B 72 -22.14 -12.46 -3.90
C ALA B 72 -20.65 -12.66 -4.14
N PRO B 73 -20.28 -13.12 -5.35
CA PRO B 73 -18.84 -13.27 -5.63
C PRO B 73 -18.08 -11.97 -5.44
N ALA B 74 -18.73 -10.85 -5.76
CA ALA B 74 -18.09 -9.54 -5.64
C ALA B 74 -17.87 -9.15 -4.17
N LEU B 75 -18.74 -9.64 -3.28
CA LEU B 75 -18.60 -9.38 -1.86
C LEU B 75 -17.50 -10.24 -1.25
N ARG B 76 -17.34 -11.45 -1.77
CA ARG B 76 -16.27 -12.33 -1.33
C ARG B 76 -14.92 -11.76 -1.76
N HIS B 77 -14.88 -11.24 -2.98
CA HIS B 77 -13.69 -10.58 -3.51
C HIS B 77 -13.33 -9.39 -2.63
N LEU B 78 -14.33 -8.55 -2.36
CA LEU B 78 -14.15 -7.37 -1.51
C LEU B 78 -13.61 -7.75 -0.14
N TYR B 79 -14.15 -8.81 0.45
CA TYR B 79 -13.68 -9.25 1.75
C TYR B 79 -12.21 -9.64 1.73
N LYS B 80 -11.82 -10.42 0.71
CA LYS B 80 -10.43 -10.83 0.55
C LYS B 80 -9.54 -9.62 0.25
N GLU B 81 -10.13 -8.63 -0.40
CA GLU B 81 -9.40 -7.41 -0.75
C GLU B 81 -9.14 -6.58 0.49
N LEU B 82 -10.05 -6.67 1.46
CA LEU B 82 -9.95 -5.90 2.70
C LEU B 82 -9.02 -6.56 3.71
N MET B 83 -8.79 -7.85 3.55
CA MET B 83 -7.97 -8.59 4.51
C MET B 83 -6.58 -8.93 3.97
N GLY B 84 -6.02 -8.04 3.16
CA GLY B 84 -4.70 -8.27 2.60
C GLY B 84 -3.67 -7.29 3.15
N PRO B 85 -2.42 -7.75 3.32
CA PRO B 85 -1.97 -9.12 3.05
C PRO B 85 -2.15 -10.04 4.26
N TRP B 86 -3.31 -9.98 4.90
CA TRP B 86 -3.62 -10.82 6.04
C TRP B 86 -2.63 -10.70 7.20
N ASN B 87 -1.77 -9.70 7.15
CA ASN B 87 -0.92 -9.39 8.29
C ASN B 87 -1.80 -8.94 9.45
N LYS B 88 -3.05 -8.65 9.12
CA LYS B 88 -4.07 -8.27 10.10
C LYS B 88 -3.47 -7.61 11.34
N ASP B 89 -2.91 -6.42 11.16
CA ASP B 89 -2.30 -5.70 12.27
C ASP B 89 -2.87 -4.29 12.40
N GLU B 90 -4.12 -4.19 12.85
CA GLU B 90 -4.94 -5.35 13.18
C GLU B 90 -6.39 -5.09 12.79
N ILE B 91 -6.99 -6.01 12.04
CA ILE B 91 -8.40 -5.89 11.71
C ILE B 91 -9.12 -7.24 11.77
N SER B 92 -9.91 -7.43 12.82
CA SER B 92 -10.64 -8.68 13.02
C SER B 92 -12.14 -8.46 12.88
N THR B 93 -12.78 -9.31 12.08
CA THR B 93 -14.20 -9.20 11.83
C THR B 93 -14.90 -10.54 12.06
N THR B 94 -16.19 -10.48 12.34
CA THR B 94 -16.99 -11.70 12.45
C THR B 94 -18.46 -11.43 12.18
N ASP B 95 -19.06 -12.29 11.37
CA ASP B 95 -20.48 -12.26 11.12
C ASP B 95 -21.04 -13.57 11.63
N ALA B 96 -22.30 -13.57 12.05
CA ALA B 96 -22.94 -14.80 12.47
C ALA B 96 -24.43 -14.65 12.62
N ILE B 97 -25.15 -15.64 12.09
CA ILE B 97 -26.57 -15.78 12.34
C ILE B 97 -26.75 -17.04 13.16
N PHE B 98 -27.34 -16.89 14.34
CA PHE B 98 -27.64 -18.02 15.20
C PHE B 98 -29.13 -18.28 15.21
N VAL B 99 -29.51 -19.54 15.02
CA VAL B 99 -30.92 -19.91 15.01
C VAL B 99 -31.18 -21.06 15.99
N GLN B 100 -32.36 -21.07 16.61
CA GLN B 100 -32.76 -22.15 17.49
C GLN B 100 -32.55 -23.49 16.80
N ARG B 101 -32.12 -24.48 17.56
CA ARG B 101 -31.60 -25.74 17.01
C ARG B 101 -32.60 -26.62 16.26
N ASP B 102 -33.79 -26.81 16.82
CA ASP B 102 -34.71 -27.81 16.30
C ASP B 102 -35.65 -27.32 15.20
N LEU B 103 -35.66 -26.01 14.97
CA LEU B 103 -36.45 -25.43 13.89
C LEU B 103 -36.03 -26.00 12.55
N LYS B 104 -36.91 -26.78 11.93
CA LYS B 104 -36.59 -27.40 10.65
C LYS B 104 -36.30 -26.35 9.58
N LEU B 105 -35.08 -26.38 9.06
CA LEU B 105 -34.66 -25.42 8.05
C LEU B 105 -35.10 -25.85 6.64
N VAL B 106 -35.21 -24.87 5.75
CA VAL B 106 -35.55 -25.16 4.37
C VAL B 106 -34.44 -25.96 3.71
N GLN B 107 -34.77 -27.17 3.28
CA GLN B 107 -33.80 -28.02 2.61
C GLN B 107 -33.07 -27.25 1.50
N GLY B 108 -31.75 -27.24 1.58
CA GLY B 108 -30.94 -26.59 0.55
C GLY B 108 -30.45 -25.21 0.94
N PHE B 109 -31.03 -24.64 2.00
CA PHE B 109 -30.62 -23.32 2.45
C PHE B 109 -29.17 -23.30 2.91
N MET B 110 -28.80 -24.28 3.72
CA MET B 110 -27.45 -24.33 4.29
C MET B 110 -26.36 -24.39 3.22
N PRO B 111 -26.43 -25.38 2.32
CA PRO B 111 -25.42 -25.45 1.26
C PRO B 111 -25.42 -24.19 0.40
N HIS B 112 -26.60 -23.61 0.17
CA HIS B 112 -26.72 -22.41 -0.63
C HIS B 112 -26.07 -21.22 0.08
N PHE B 113 -26.37 -21.08 1.37
CA PHE B 113 -25.81 -20.00 2.17
C PHE B 113 -24.29 -20.08 2.21
N PHE B 114 -23.77 -21.31 2.33
CA PHE B 114 -22.34 -21.50 2.39
C PHE B 114 -21.67 -21.15 1.07
N ARG B 115 -22.25 -21.60 -0.03
CA ARG B 115 -21.70 -21.32 -1.36
C ARG B 115 -21.51 -19.83 -1.58
N LEU B 116 -22.45 -19.02 -1.11
CA LEU B 116 -22.42 -17.58 -1.34
C LEU B 116 -21.50 -16.84 -0.38
N PHE B 117 -21.53 -17.22 0.89
CA PHE B 117 -20.83 -16.46 1.92
C PHE B 117 -19.63 -17.16 2.53
N ARG B 118 -19.47 -18.45 2.23
CA ARG B 118 -18.37 -19.25 2.76
C ARG B 118 -18.36 -19.24 4.30
N SER B 119 -19.54 -19.05 4.88
CA SER B 119 -19.76 -19.27 6.30
C SER B 119 -21.05 -20.06 6.45
N THR B 120 -21.38 -20.46 7.68
CA THR B 120 -22.60 -21.22 7.90
C THR B 120 -23.48 -20.56 8.96
N VAL B 121 -24.77 -20.87 8.92
CA VAL B 121 -25.68 -20.48 9.98
C VAL B 121 -25.45 -21.42 11.15
N LYS B 122 -25.19 -20.86 12.32
CA LYS B 122 -24.96 -21.67 13.51
C LYS B 122 -26.28 -22.02 14.18
N GLN B 123 -26.40 -23.26 14.64
CA GLN B 123 -27.60 -23.69 15.35
C GLN B 123 -27.32 -23.91 16.82
N VAL B 124 -28.12 -23.28 17.68
CA VAL B 124 -27.94 -23.41 19.12
C VAL B 124 -29.26 -23.61 19.84
N ASP B 125 -29.17 -24.04 21.09
CA ASP B 125 -30.35 -24.29 21.90
C ASP B 125 -30.51 -23.17 22.91
N PHE B 126 -31.38 -22.21 22.61
CA PHE B 126 -31.62 -21.09 23.50
C PHE B 126 -32.37 -21.49 24.77
N SER B 127 -32.89 -22.73 24.79
CA SER B 127 -33.50 -23.27 26.00
C SER B 127 -32.52 -23.18 27.17
N GLU B 128 -31.24 -23.29 26.86
CA GLU B 128 -30.18 -23.07 27.83
C GLU B 128 -29.67 -21.65 27.63
N VAL B 129 -30.40 -20.68 28.16
CA VAL B 129 -30.09 -19.27 27.94
C VAL B 129 -28.62 -18.95 28.20
N GLU B 130 -28.17 -19.24 29.42
CA GLU B 130 -26.80 -18.90 29.79
C GLU B 130 -25.79 -19.62 28.92
N ARG B 131 -26.08 -20.88 28.57
CA ARG B 131 -25.17 -21.64 27.74
C ARG B 131 -25.10 -21.06 26.33
N ALA B 132 -26.26 -20.79 25.75
CA ALA B 132 -26.34 -20.21 24.40
C ALA B 132 -25.63 -18.86 24.34
N ARG B 133 -25.87 -18.03 25.36
CA ARG B 133 -25.24 -16.72 25.45
C ARG B 133 -23.71 -16.83 25.45
N PHE B 134 -23.19 -17.78 26.21
CA PHE B 134 -21.74 -17.99 26.26
C PHE B 134 -21.18 -18.54 24.95
N ILE B 135 -21.92 -19.44 24.32
CA ILE B 135 -21.53 -19.98 23.01
C ILE B 135 -21.41 -18.86 21.98
N ILE B 136 -22.44 -18.02 21.90
CA ILE B 136 -22.43 -16.91 20.96
C ILE B 136 -21.33 -15.90 21.29
N ASN B 137 -21.20 -15.58 22.58
CA ASN B 137 -20.17 -14.63 23.03
C ASN B 137 -18.76 -15.17 22.85
N ASP B 138 -18.60 -16.47 23.00
CA ASP B 138 -17.30 -17.09 22.84
C ASP B 138 -16.94 -17.19 21.36
N TRP B 139 -17.94 -17.45 20.53
CA TRP B 139 -17.73 -17.44 19.09
C TRP B 139 -17.21 -16.07 18.67
N VAL B 140 -17.97 -15.04 19.02
CA VAL B 140 -17.59 -13.67 18.69
C VAL B 140 -16.20 -13.32 19.21
N LYS B 141 -15.91 -13.72 20.44
CA LYS B 141 -14.63 -13.38 21.05
C LYS B 141 -13.45 -14.03 20.34
N THR B 142 -13.55 -15.33 20.06
CA THR B 142 -12.46 -16.05 19.42
C THR B 142 -12.24 -15.62 17.96
N HIS B 143 -13.24 -14.97 17.38
CA HIS B 143 -13.14 -14.51 16.00
C HIS B 143 -12.81 -13.02 15.89
N THR B 144 -12.59 -12.39 17.04
CA THR B 144 -12.14 -11.00 17.05
C THR B 144 -10.84 -10.89 17.86
N LYS B 145 -10.04 -11.95 17.81
CA LYS B 145 -8.74 -11.99 18.49
C LYS B 145 -8.84 -11.70 19.97
N GLY B 146 -9.92 -12.16 20.60
CA GLY B 146 -10.11 -12.00 22.03
C GLY B 146 -10.57 -10.60 22.42
N MET B 147 -10.73 -9.72 21.43
CA MET B 147 -10.97 -8.31 21.68
C MET B 147 -12.43 -7.95 21.99
N ILE B 148 -13.36 -8.52 21.24
CA ILE B 148 -14.78 -8.21 21.41
C ILE B 148 -15.48 -9.25 22.28
N SER B 149 -15.83 -8.88 23.50
CA SER B 149 -16.40 -9.82 24.46
C SER B 149 -17.77 -9.39 24.98
N ASN B 150 -18.47 -10.35 25.58
CA ASN B 150 -19.80 -10.11 26.12
C ASN B 150 -20.68 -9.31 25.16
N LEU B 151 -20.63 -9.68 23.88
CA LEU B 151 -21.44 -9.00 22.88
C LEU B 151 -22.91 -9.20 23.19
N LEU B 152 -23.24 -10.38 23.71
CA LEU B 152 -24.62 -10.75 23.97
C LEU B 152 -24.91 -10.80 25.47
N GLY B 153 -26.19 -10.69 25.83
CA GLY B 153 -26.61 -10.73 27.21
C GLY B 153 -25.99 -9.60 28.01
N LYS B 154 -26.32 -9.56 29.31
CA LYS B 154 -27.22 -10.54 29.89
C LYS B 154 -28.68 -10.10 29.75
N GLY B 155 -29.56 -11.06 29.48
CA GLY B 155 -30.96 -10.77 29.28
C GLY B 155 -31.28 -10.49 27.82
N ALA B 156 -30.24 -10.41 26.99
CA ALA B 156 -30.42 -10.12 25.57
C ALA B 156 -31.16 -11.26 24.87
N VAL B 157 -30.97 -12.48 25.37
CA VAL B 157 -31.62 -13.66 24.81
C VAL B 157 -32.31 -14.46 25.90
N ASP B 158 -33.34 -15.21 25.50
CA ASP B 158 -34.04 -16.09 26.43
C ASP B 158 -34.52 -17.38 25.74
N GLN B 159 -35.30 -18.17 26.46
CA GLN B 159 -35.72 -19.48 25.95
C GLN B 159 -36.61 -19.38 24.73
N LEU B 160 -37.21 -18.21 24.51
CA LEU B 160 -38.12 -18.01 23.38
C LEU B 160 -37.41 -17.41 22.17
N THR B 161 -36.14 -17.08 22.34
CA THR B 161 -35.32 -16.57 21.25
C THR B 161 -35.10 -17.62 20.17
N ARG B 162 -35.37 -17.27 18.91
CA ARG B 162 -35.22 -18.23 17.83
C ARG B 162 -34.19 -17.79 16.79
N LEU B 163 -33.94 -16.49 16.70
CA LEU B 163 -33.02 -15.97 15.68
C LEU B 163 -32.24 -14.76 16.18
N VAL B 164 -30.91 -14.88 16.16
CA VAL B 164 -30.02 -13.81 16.59
C VAL B 164 -29.02 -13.49 15.50
N LEU B 165 -28.76 -12.21 15.29
CA LEU B 165 -27.78 -11.76 14.32
C LEU B 165 -26.69 -10.96 15.02
N VAL B 166 -25.44 -11.38 14.86
CA VAL B 166 -24.33 -10.66 15.47
C VAL B 166 -23.27 -10.24 14.46
N ASN B 167 -22.67 -9.07 14.71
CA ASN B 167 -21.57 -8.58 13.91
C ASN B 167 -20.54 -7.91 14.82
N ALA B 168 -19.28 -8.24 14.65
CA ALA B 168 -18.24 -7.69 15.50
C ALA B 168 -16.95 -7.38 14.73
N LEU B 169 -16.38 -6.22 15.01
CA LEU B 169 -15.12 -5.81 14.40
C LEU B 169 -14.15 -5.20 15.41
N TYR B 170 -12.87 -5.45 15.20
CA TYR B 170 -11.82 -4.84 16.00
C TYR B 170 -10.73 -4.31 15.09
N PHE B 171 -10.31 -3.08 15.32
CA PHE B 171 -9.25 -2.48 14.51
C PHE B 171 -8.18 -1.84 15.37
N ASN B 172 -6.94 -2.24 15.13
CA ASN B 172 -5.79 -1.66 15.84
C ASN B 172 -4.67 -1.33 14.87
N GLY B 173 -5.02 -0.64 13.79
CA GLY B 173 -4.05 -0.30 12.77
C GLY B 173 -2.96 0.64 13.27
N GLN B 174 -1.78 0.52 12.66
CA GLN B 174 -0.67 1.41 12.99
C GLN B 174 -0.58 2.55 11.98
N PHE B 175 -0.45 3.77 12.48
CA PHE B 175 -0.26 4.91 11.59
C PHE B 175 1.09 4.81 10.89
N LYS B 176 1.09 5.06 9.60
CA LYS B 176 2.31 5.03 8.80
C LYS B 176 3.38 5.85 9.50
N THR B 177 3.04 7.09 9.83
CA THR B 177 3.90 7.94 10.64
C THR B 177 3.23 8.19 11.99
N PRO B 178 3.56 7.36 12.99
CA PRO B 178 2.91 7.38 14.30
C PRO B 178 3.33 8.57 15.17
N PHE B 179 2.38 9.06 15.97
CA PHE B 179 2.63 10.16 16.89
C PHE B 179 3.61 9.74 17.97
N PRO B 180 4.61 10.60 18.26
CA PRO B 180 5.62 10.33 19.30
C PRO B 180 4.98 10.27 20.67
N ASP B 181 5.29 9.22 21.44
CA ASP B 181 4.76 9.08 22.78
C ASP B 181 5.35 10.17 23.68
N SER B 182 6.45 10.77 23.23
CA SER B 182 7.11 11.82 24.00
C SER B 182 6.45 13.17 23.77
N SER B 183 5.47 13.21 22.87
CA SER B 183 4.78 14.46 22.54
C SER B 183 3.34 14.47 23.05
N THR B 184 2.91 13.37 23.66
CA THR B 184 1.57 13.29 24.21
C THR B 184 1.47 14.19 25.43
N HIS B 185 0.58 15.18 25.36
CA HIS B 185 0.46 16.17 26.42
C HIS B 185 -0.99 16.44 26.80
N ARG B 186 -1.18 17.05 27.96
CA ARG B 186 -2.50 17.38 28.46
C ARG B 186 -3.07 18.59 27.72
N ARG B 187 -4.36 18.54 27.41
CA ARG B 187 -5.02 19.65 26.72
C ARG B 187 -6.52 19.72 27.02
N LEU B 188 -7.09 20.91 26.83
CA LEU B 188 -8.50 21.13 27.12
C LEU B 188 -9.37 20.78 25.92
N PHE B 189 -10.44 20.05 26.18
CA PHE B 189 -11.35 19.59 25.13
C PHE B 189 -12.76 20.10 25.36
N HIS B 190 -13.29 20.84 24.40
CA HIS B 190 -14.63 21.41 24.50
C HIS B 190 -15.69 20.41 24.06
N LYS B 191 -16.48 19.93 25.01
CA LYS B 191 -17.60 19.05 24.70
C LYS B 191 -18.75 19.87 24.12
N SER B 192 -19.69 19.20 23.47
CA SER B 192 -20.84 19.87 22.88
C SER B 192 -21.67 20.56 23.96
N ASP B 193 -21.35 20.24 25.22
CA ASP B 193 -22.05 20.82 26.36
C ASP B 193 -21.63 22.26 26.59
N GLY B 194 -20.49 22.63 26.03
CA GLY B 194 -19.88 23.91 26.30
C GLY B 194 -18.90 23.75 27.45
N SER B 195 -19.06 22.66 28.18
CA SER B 195 -18.15 22.32 29.27
C SER B 195 -16.82 21.85 28.70
N THR B 196 -15.83 21.67 29.58
CA THR B 196 -14.50 21.28 29.15
C THR B 196 -13.90 20.23 30.09
N VAL B 197 -13.04 19.39 29.52
CA VAL B 197 -12.31 18.40 30.31
C VAL B 197 -10.88 18.30 29.80
N SER B 198 -9.95 18.02 30.71
CA SER B 198 -8.55 17.91 30.35
C SER B 198 -8.23 16.48 29.92
N VAL B 199 -7.94 16.31 28.64
CA VAL B 199 -7.64 14.99 28.09
C VAL B 199 -6.26 14.95 27.42
N PRO B 200 -5.67 13.74 27.33
CA PRO B 200 -4.38 13.54 26.68
C PRO B 200 -4.50 13.64 25.16
N MET B 201 -3.67 14.46 24.54
CA MET B 201 -3.69 14.60 23.09
C MET B 201 -2.32 14.38 22.47
N MET B 202 -2.28 13.49 21.47
CA MET B 202 -1.06 13.23 20.73
C MET B 202 -0.67 14.44 19.89
N ALA B 203 0.55 14.47 19.41
CA ALA B 203 1.03 15.60 18.62
C ALA B 203 2.20 15.23 17.72
N GLN B 204 2.15 15.68 16.47
CA GLN B 204 3.25 15.50 15.55
C GLN B 204 3.14 16.46 14.37
N THR B 205 4.29 16.88 13.85
CA THR B 205 4.33 17.73 12.67
C THR B 205 4.67 16.89 11.45
N ASN B 206 3.97 17.16 10.34
CA ASN B 206 4.16 16.37 9.13
C ASN B 206 3.44 16.99 7.94
N LYS B 207 3.71 16.47 6.75
CA LYS B 207 2.97 16.89 5.57
C LYS B 207 1.66 16.12 5.49
N PHE B 208 0.75 16.44 6.40
CA PHE B 208 -0.54 15.76 6.48
C PHE B 208 -1.40 16.06 5.26
N ASN B 209 -2.12 15.04 4.80
CA ASN B 209 -3.11 15.21 3.75
C ASN B 209 -4.29 15.99 4.30
N TYR B 210 -4.53 17.18 3.77
CA TYR B 210 -5.53 18.07 4.33
C TYR B 210 -6.37 18.75 3.27
N THR B 211 -7.59 19.11 3.64
CA THR B 211 -8.48 19.88 2.80
C THR B 211 -9.65 20.39 3.65
N GLU B 212 -10.36 21.39 3.14
CA GLU B 212 -11.56 21.86 3.83
C GLU B 212 -12.75 21.95 2.88
N PHE B 213 -13.91 21.53 3.38
CA PHE B 213 -15.14 21.59 2.59
C PHE B 213 -16.14 22.52 3.25
N THR B 214 -17.33 22.60 2.67
CA THR B 214 -18.40 23.43 3.21
C THR B 214 -19.73 22.68 3.23
N THR B 215 -20.42 22.75 4.35
CA THR B 215 -21.74 22.13 4.49
C THR B 215 -22.75 22.89 3.66
N PRO B 216 -23.92 22.28 3.42
CA PRO B 216 -25.02 22.95 2.70
C PRO B 216 -25.26 24.37 3.21
N ASP B 217 -25.31 24.54 4.54
CA ASP B 217 -25.56 25.86 5.13
C ASP B 217 -24.37 26.79 4.99
N GLY B 218 -23.27 26.28 4.43
CA GLY B 218 -22.09 27.09 4.16
C GLY B 218 -21.08 27.13 5.30
N HIS B 219 -21.11 26.11 6.15
CA HIS B 219 -20.16 26.01 7.26
C HIS B 219 -18.88 25.31 6.82
N TYR B 220 -17.74 25.92 7.14
CA TYR B 220 -16.44 25.36 6.81
C TYR B 220 -16.04 24.27 7.78
N TYR B 221 -15.43 23.20 7.28
CA TYR B 221 -14.93 22.15 8.14
C TYR B 221 -13.63 21.52 7.62
N ASP B 222 -12.80 21.06 8.54
CA ASP B 222 -11.48 20.53 8.21
C ASP B 222 -11.50 19.02 8.05
N ILE B 223 -10.80 18.54 7.03
CA ILE B 223 -10.61 17.10 6.85
C ILE B 223 -9.14 16.75 6.76
N LEU B 224 -8.69 15.86 7.63
CA LEU B 224 -7.32 15.38 7.65
C LEU B 224 -7.29 13.89 7.37
N GLU B 225 -6.38 13.46 6.52
CA GLU B 225 -6.23 12.05 6.24
C GLU B 225 -4.98 11.51 6.93
N LEU B 226 -5.14 10.44 7.69
CA LEU B 226 -4.01 9.81 8.36
C LEU B 226 -3.80 8.42 7.80
N PRO B 227 -2.76 8.26 6.97
CA PRO B 227 -2.39 6.97 6.40
C PRO B 227 -2.04 5.95 7.47
N TYR B 228 -2.47 4.70 7.26
CA TYR B 228 -2.03 3.59 8.10
C TYR B 228 -0.90 2.84 7.38
N HIS B 229 -0.05 2.16 8.14
CA HIS B 229 1.01 1.37 7.54
C HIS B 229 0.42 0.36 6.55
N GLY B 230 0.95 0.37 5.34
CA GLY B 230 0.48 -0.52 4.29
C GLY B 230 -0.02 0.25 3.09
N ASP B 231 -0.15 1.57 3.25
CA ASP B 231 -0.56 2.43 2.15
C ASP B 231 -1.88 2.01 1.52
N THR B 232 -2.76 1.45 2.35
CA THR B 232 -4.05 0.95 1.90
C THR B 232 -5.20 1.59 2.68
N LEU B 233 -5.03 1.67 4.00
CA LEU B 233 -6.05 2.23 4.86
C LEU B 233 -5.71 3.67 5.27
N SER B 234 -6.75 4.45 5.54
CA SER B 234 -6.61 5.82 6.00
C SER B 234 -7.69 6.13 7.02
N MET B 235 -7.33 6.87 8.06
CA MET B 235 -8.31 7.44 8.95
C MET B 235 -8.52 8.90 8.56
N PHE B 236 -9.74 9.24 8.16
CA PHE B 236 -10.09 10.63 7.90
C PHE B 236 -10.67 11.22 9.17
N ILE B 237 -10.13 12.37 9.57
CA ILE B 237 -10.66 13.10 10.71
C ILE B 237 -11.33 14.36 10.17
N ALA B 238 -12.61 14.53 10.47
CA ALA B 238 -13.33 15.71 10.03
C ALA B 238 -13.93 16.43 11.23
N ALA B 239 -13.98 17.76 11.15
CA ALA B 239 -14.57 18.57 12.21
C ALA B 239 -14.91 19.94 11.68
N PRO B 240 -16.04 20.51 12.15
CA PRO B 240 -16.43 21.88 11.80
C PRO B 240 -15.37 22.87 12.28
N TYR B 241 -15.14 23.92 11.51
CA TYR B 241 -14.17 24.94 11.89
C TYR B 241 -14.67 25.71 13.11
N GLU B 242 -15.80 26.40 12.95
CA GLU B 242 -16.40 27.12 14.06
C GLU B 242 -16.74 26.19 15.22
N LYS B 243 -16.17 26.47 16.39
CA LYS B 243 -16.40 25.65 17.57
C LYS B 243 -17.88 25.59 17.92
N GLU B 244 -18.64 26.56 17.44
CA GLU B 244 -20.05 26.68 17.76
C GLU B 244 -20.94 25.77 16.91
N VAL B 245 -20.35 25.17 15.87
CA VAL B 245 -21.11 24.35 14.93
C VAL B 245 -21.26 22.89 15.37
N PRO B 246 -22.49 22.41 15.46
CA PRO B 246 -22.81 21.03 15.83
C PRO B 246 -22.17 20.03 14.86
N LEU B 247 -21.52 19.00 15.40
CA LEU B 247 -20.89 17.98 14.57
C LEU B 247 -21.93 17.33 13.66
N SER B 248 -23.19 17.39 14.08
CA SER B 248 -24.28 16.83 13.29
C SER B 248 -24.29 17.42 11.88
N ALA B 249 -23.92 18.69 11.77
CA ALA B 249 -23.83 19.37 10.48
C ALA B 249 -23.03 18.54 9.49
N LEU B 250 -21.99 17.87 9.99
CA LEU B 250 -21.17 17.01 9.16
C LEU B 250 -21.80 15.65 8.96
N THR B 251 -22.22 15.02 10.07
CA THR B 251 -22.74 13.67 10.03
C THR B 251 -23.95 13.53 9.11
N ASN B 252 -24.87 14.50 9.16
CA ASN B 252 -26.10 14.44 8.39
C ASN B 252 -25.90 14.54 6.88
N ILE B 253 -24.77 15.12 6.46
CA ILE B 253 -24.47 15.27 5.05
C ILE B 253 -23.48 14.21 4.59
N LEU B 254 -23.07 13.37 5.53
CA LEU B 254 -22.10 12.33 5.27
C LEU B 254 -22.57 11.35 4.20
N SER B 255 -21.62 10.83 3.42
CA SER B 255 -21.89 9.80 2.44
C SER B 255 -20.56 9.22 1.95
N ALA B 256 -20.61 8.00 1.43
CA ALA B 256 -19.40 7.36 0.93
C ALA B 256 -18.76 8.18 -0.19
N GLN B 257 -19.59 8.81 -1.01
CA GLN B 257 -19.09 9.60 -2.13
C GLN B 257 -18.39 10.87 -1.65
N LEU B 258 -18.95 11.51 -0.63
CA LEU B 258 -18.36 12.71 -0.06
C LEU B 258 -16.94 12.41 0.40
N ILE B 259 -16.79 11.34 1.16
CA ILE B 259 -15.50 10.93 1.67
C ILE B 259 -14.48 10.77 0.53
N SER B 260 -14.95 10.30 -0.61
CA SER B 260 -14.09 10.15 -1.78
C SER B 260 -13.63 11.52 -2.28
N HIS B 261 -14.54 12.49 -2.26
CA HIS B 261 -14.23 13.85 -2.67
C HIS B 261 -13.21 14.49 -1.73
N TRP B 262 -13.34 14.19 -0.43
CA TRP B 262 -12.37 14.64 0.55
C TRP B 262 -10.97 14.28 0.07
N LYS B 263 -10.77 12.99 -0.20
CA LYS B 263 -9.50 12.46 -0.66
C LYS B 263 -9.02 13.18 -1.91
N GLY B 264 -9.91 13.29 -2.90
CA GLY B 264 -9.57 13.93 -4.16
C GLY B 264 -9.16 15.38 -4.05
N ASN B 265 -9.38 15.98 -2.89
CA ASN B 265 -9.01 17.38 -2.66
C ASN B 265 -7.83 17.50 -1.70
N MET B 266 -7.31 16.36 -1.27
CA MET B 266 -6.20 16.34 -0.31
C MET B 266 -4.92 16.93 -0.90
N THR B 267 -4.34 17.88 -0.17
CA THR B 267 -3.01 18.37 -0.47
C THR B 267 -2.13 18.19 0.77
N ARG B 268 -0.97 17.57 0.60
CA ARG B 268 -0.09 17.28 1.71
C ARG B 268 0.65 18.53 2.18
N LEU B 269 0.17 19.12 3.27
CA LEU B 269 0.69 20.40 3.76
C LEU B 269 1.41 20.24 5.10
N PRO B 270 2.48 21.04 5.30
CA PRO B 270 3.18 21.06 6.58
C PRO B 270 2.25 21.55 7.68
N ARG B 271 1.92 20.68 8.62
CA ARG B 271 0.97 21.01 9.67
C ARG B 271 1.36 20.36 10.99
N LEU B 272 0.99 21.02 12.09
CA LEU B 272 1.06 20.40 13.41
C LEU B 272 -0.32 19.86 13.76
N LEU B 273 -0.41 18.55 13.93
CA LEU B 273 -1.67 17.93 14.32
C LEU B 273 -1.66 17.55 15.79
N VAL B 274 -2.60 18.11 16.55
CA VAL B 274 -2.82 17.70 17.92
C VAL B 274 -4.11 16.90 18.00
N LEU B 275 -3.98 15.59 18.15
CA LEU B 275 -5.13 14.70 18.12
C LEU B 275 -5.26 13.95 19.44
N PRO B 276 -6.45 14.00 20.05
CA PRO B 276 -6.66 13.30 21.33
C PRO B 276 -6.55 11.80 21.14
N LYS B 277 -5.81 11.13 22.01
CA LYS B 277 -5.87 9.68 22.08
C LYS B 277 -7.31 9.34 22.38
N PHE B 278 -7.85 8.32 21.72
CA PHE B 278 -9.18 7.85 22.08
C PHE B 278 -9.36 6.35 21.93
N SER B 279 -10.02 5.77 22.92
CA SER B 279 -10.33 4.35 22.92
C SER B 279 -11.85 4.23 22.93
N LEU B 280 -12.39 3.65 21.87
CA LEU B 280 -13.85 3.50 21.75
C LEU B 280 -14.28 2.05 21.65
N GLU B 281 -15.40 1.73 22.29
CA GLU B 281 -16.04 0.44 22.12
C GLU B 281 -17.54 0.63 22.21
N THR B 282 -18.23 0.44 21.09
CA THR B 282 -19.66 0.65 21.04
C THR B 282 -20.36 -0.62 20.60
N GLU B 283 -21.40 -1.01 21.34
CA GLU B 283 -22.34 -1.99 20.84
C GLU B 283 -23.58 -1.24 20.38
N VAL B 284 -24.03 -1.52 19.16
CA VAL B 284 -25.19 -0.86 18.60
C VAL B 284 -26.32 -1.85 18.38
N ASP B 285 -27.47 -1.58 18.99
CA ASP B 285 -28.67 -2.34 18.70
C ASP B 285 -29.21 -1.84 17.36
N LEU B 286 -28.98 -2.63 16.32
CA LEU B 286 -29.31 -2.24 14.95
C LEU B 286 -30.80 -2.06 14.70
N ARG B 287 -31.62 -2.51 15.64
CA ARG B 287 -33.07 -2.49 15.45
C ARG B 287 -33.58 -1.12 15.00
N LYS B 288 -33.49 -0.13 15.88
CA LYS B 288 -34.00 1.21 15.59
C LYS B 288 -33.45 1.83 14.30
N PRO B 289 -32.12 1.86 14.14
CA PRO B 289 -31.54 2.42 12.91
C PRO B 289 -32.09 1.75 11.66
N LEU B 290 -32.17 0.42 11.68
CA LEU B 290 -32.67 -0.34 10.53
C LEU B 290 -34.17 -0.10 10.28
N GLU B 291 -34.93 0.07 11.35
CA GLU B 291 -36.36 0.35 11.22
C GLU B 291 -36.57 1.69 10.53
N ASN B 292 -35.71 2.65 10.86
CA ASN B 292 -35.80 3.99 10.30
C ASN B 292 -35.43 4.05 8.82
N LEU B 293 -34.88 2.95 8.31
CA LEU B 293 -34.53 2.86 6.90
C LEU B 293 -35.44 1.90 6.16
N GLY B 294 -36.55 1.53 6.79
CA GLY B 294 -37.56 0.71 6.14
C GLY B 294 -37.67 -0.72 6.63
N MET B 295 -36.55 -1.27 7.12
CA MET B 295 -36.49 -2.67 7.54
C MET B 295 -37.20 -2.93 8.86
N THR B 296 -38.51 -2.69 8.87
CA THR B 296 -39.31 -2.85 10.08
C THR B 296 -39.83 -4.29 10.25
N ASP B 297 -40.18 -4.93 9.15
CA ASP B 297 -40.75 -6.27 9.15
C ASP B 297 -39.90 -7.33 9.88
N MET B 298 -38.59 -7.24 9.70
CA MET B 298 -37.69 -8.30 10.18
C MET B 298 -37.69 -8.47 11.70
N PHE B 299 -38.13 -7.44 12.43
CA PHE B 299 -38.11 -7.48 13.89
C PHE B 299 -39.48 -7.80 14.48
N ARG B 300 -40.52 -7.74 13.66
CA ARG B 300 -41.88 -8.02 14.11
C ARG B 300 -42.17 -9.51 14.01
N GLN B 301 -42.50 -10.11 15.15
CA GLN B 301 -42.68 -11.56 15.25
C GLN B 301 -43.59 -12.16 14.17
N PHE B 302 -44.66 -11.46 13.83
CA PHE B 302 -45.65 -11.99 12.89
C PHE B 302 -45.43 -11.51 11.46
N GLN B 303 -45.00 -10.26 11.31
CA GLN B 303 -44.79 -9.67 9.99
C GLN B 303 -43.49 -10.16 9.35
N ALA B 304 -42.54 -10.59 10.18
CA ALA B 304 -41.25 -11.04 9.69
C ALA B 304 -41.39 -12.24 8.76
N ASP B 305 -40.75 -12.15 7.60
CA ASP B 305 -40.77 -13.23 6.63
C ASP B 305 -39.36 -13.84 6.47
N PHE B 306 -39.15 -14.97 7.12
CA PHE B 306 -37.90 -15.71 6.99
C PHE B 306 -38.14 -17.08 6.39
N THR B 307 -39.06 -17.14 5.43
CA THR B 307 -39.44 -18.38 4.79
C THR B 307 -38.28 -19.02 4.03
N SER B 308 -37.35 -18.20 3.58
CA SER B 308 -36.17 -18.69 2.89
C SER B 308 -35.33 -19.56 3.83
N LEU B 309 -35.41 -19.25 5.11
CA LEU B 309 -34.63 -19.96 6.13
C LEU B 309 -35.41 -21.11 6.74
N SER B 310 -36.69 -20.88 7.02
CA SER B 310 -37.54 -21.90 7.64
C SER B 310 -39.01 -21.73 7.26
N ASP B 311 -39.70 -22.84 7.06
CA ASP B 311 -41.09 -22.82 6.61
C ASP B 311 -42.09 -22.94 7.76
N GLN B 312 -42.18 -24.14 8.34
CA GLN B 312 -43.17 -24.42 9.37
C GLN B 312 -42.84 -23.75 10.70
N GLU B 313 -42.02 -22.71 10.66
CA GLU B 313 -41.62 -22.01 11.87
C GLU B 313 -41.66 -20.50 11.71
N PRO B 314 -42.56 -19.83 12.45
CA PRO B 314 -42.62 -18.37 12.47
C PRO B 314 -41.36 -17.78 13.09
N LEU B 315 -40.56 -17.06 12.29
CA LEU B 315 -39.31 -16.50 12.78
C LEU B 315 -39.29 -14.98 12.76
N HIS B 316 -38.36 -14.41 13.52
CA HIS B 316 -38.09 -12.98 13.50
C HIS B 316 -36.81 -12.73 14.28
N VAL B 317 -36.18 -11.58 14.02
CA VAL B 317 -34.91 -11.27 14.67
C VAL B 317 -35.12 -10.77 16.08
N ALA B 318 -34.59 -11.52 17.05
CA ALA B 318 -34.66 -11.11 18.45
C ALA B 318 -33.61 -10.06 18.73
N GLN B 319 -32.40 -10.30 18.24
CA GLN B 319 -31.29 -9.38 18.42
C GLN B 319 -30.52 -9.17 17.13
N ALA B 320 -30.27 -7.91 16.80
CA ALA B 320 -29.36 -7.56 15.71
C ALA B 320 -28.32 -6.62 16.31
N LEU B 321 -27.13 -7.15 16.57
CA LEU B 321 -26.14 -6.41 17.34
C LEU B 321 -24.81 -6.28 16.63
N GLN B 322 -24.21 -5.10 16.75
CA GLN B 322 -22.84 -4.89 16.31
C GLN B 322 -22.03 -4.28 17.46
N LYS B 323 -20.95 -4.96 17.83
CA LYS B 323 -20.01 -4.42 18.80
C LYS B 323 -18.68 -4.18 18.09
N VAL B 324 -18.16 -2.98 18.22
CA VAL B 324 -16.91 -2.61 17.56
C VAL B 324 -15.97 -1.92 18.55
N LYS B 325 -14.69 -2.24 18.45
CA LYS B 325 -13.69 -1.58 19.28
C LYS B 325 -12.53 -1.05 18.45
N ILE B 326 -12.26 0.24 18.57
CA ILE B 326 -11.12 0.85 17.90
C ILE B 326 -10.28 1.61 18.91
N GLU B 327 -8.97 1.45 18.82
CA GLU B 327 -8.06 2.15 19.74
C GLU B 327 -7.09 3.03 18.97
N VAL B 328 -7.26 4.34 19.12
CA VAL B 328 -6.37 5.30 18.48
C VAL B 328 -5.33 5.82 19.46
N ASN B 329 -4.07 5.53 19.19
CA ASN B 329 -2.98 5.97 20.05
C ASN B 329 -1.67 6.15 19.29
N GLU B 330 -0.56 6.13 20.01
CA GLU B 330 0.75 6.40 19.42
C GLU B 330 1.20 5.29 18.48
N SER B 331 1.15 4.05 18.95
CA SER B 331 1.60 2.89 18.18
C SER B 331 2.97 3.13 17.54
N GLY B 332 3.23 2.46 16.43
CA GLY B 332 4.47 2.65 15.69
C GLY B 332 5.72 2.58 16.55
N THR B 333 6.78 3.27 16.09
CA THR B 333 8.05 3.28 16.81
C THR B 333 8.80 4.60 16.59
N PRO B 349 4.42 26.44 9.48
CA PRO B 349 3.75 25.19 9.86
C PRO B 349 2.43 25.45 10.58
N GLU B 350 1.34 25.50 9.82
CA GLU B 350 0.01 25.76 10.38
C GLU B 350 -0.35 24.77 11.49
N GLU B 351 -1.33 25.16 12.31
CA GLU B 351 -1.73 24.36 13.45
C GLU B 351 -3.18 23.86 13.31
N ILE B 352 -3.42 22.63 13.74
CA ILE B 352 -4.76 22.05 13.65
C ILE B 352 -5.07 21.26 14.92
N ILE B 353 -6.03 21.75 15.70
CA ILE B 353 -6.33 21.17 17.01
C ILE B 353 -7.73 20.59 17.10
N MET B 354 -7.82 19.27 17.18
CA MET B 354 -9.10 18.61 17.39
C MET B 354 -9.49 18.68 18.86
N ASP B 355 -9.61 19.90 19.38
CA ASP B 355 -9.96 20.12 20.78
C ASP B 355 -11.48 20.20 20.95
N ARG B 356 -12.20 19.47 20.11
CA ARG B 356 -13.64 19.49 20.09
C ARG B 356 -14.17 18.27 19.34
N PRO B 357 -15.44 17.91 19.58
CA PRO B 357 -16.03 16.71 18.96
C PRO B 357 -15.68 16.60 17.48
N PHE B 358 -15.20 15.43 17.07
CA PHE B 358 -14.79 15.24 15.69
C PHE B 358 -15.22 13.90 15.11
N LEU B 359 -15.27 13.84 13.79
CA LEU B 359 -15.67 12.64 13.07
C LEU B 359 -14.43 11.89 12.60
N PHE B 360 -14.52 10.57 12.58
CA PHE B 360 -13.43 9.77 12.02
C PHE B 360 -13.97 8.68 11.12
N VAL B 361 -13.26 8.45 10.02
CA VAL B 361 -13.66 7.44 9.04
C VAL B 361 -12.45 6.62 8.64
N VAL B 362 -12.52 5.32 8.89
CA VAL B 362 -11.46 4.41 8.45
C VAL B 362 -11.83 3.85 7.09
N ARG B 363 -11.09 4.27 6.07
CA ARG B 363 -11.42 3.95 4.70
C ARG B 363 -10.39 3.02 4.09
N HIS B 364 -10.86 2.02 3.35
CA HIS B 364 -9.97 1.23 2.50
C HIS B 364 -9.97 1.86 1.12
N ASN B 365 -8.97 2.69 0.86
CA ASN B 365 -8.94 3.54 -0.32
C ASN B 365 -9.06 2.82 -1.67
N PRO B 366 -8.33 1.71 -1.85
CA PRO B 366 -8.42 1.03 -3.14
C PRO B 366 -9.86 0.69 -3.53
N THR B 367 -10.64 0.17 -2.58
CA THR B 367 -12.02 -0.22 -2.85
C THR B 367 -13.01 0.89 -2.50
N GLY B 368 -12.52 1.92 -1.81
CA GLY B 368 -13.36 3.01 -1.35
C GLY B 368 -14.30 2.58 -0.25
N THR B 369 -13.95 1.49 0.43
CA THR B 369 -14.82 0.91 1.45
C THR B 369 -14.72 1.65 2.78
N VAL B 370 -15.88 1.96 3.36
CA VAL B 370 -15.94 2.59 4.67
C VAL B 370 -15.97 1.52 5.75
N LEU B 371 -14.79 1.16 6.25
CA LEU B 371 -14.66 0.11 7.26
C LEU B 371 -15.17 0.57 8.61
N PHE B 372 -14.77 1.77 9.01
CA PHE B 372 -15.13 2.28 10.32
C PHE B 372 -15.56 3.73 10.25
N MET B 373 -16.41 4.10 11.20
CA MET B 373 -16.99 5.43 11.25
C MET B 373 -17.38 5.67 12.69
N GLY B 374 -17.19 6.90 13.16
CA GLY B 374 -17.53 7.21 14.53
C GLY B 374 -17.40 8.68 14.85
N GLN B 375 -17.87 9.05 16.03
CA GLN B 375 -17.76 10.41 16.51
C GLN B 375 -17.13 10.39 17.89
N VAL B 376 -16.16 11.28 18.09
CA VAL B 376 -15.54 11.44 19.39
C VAL B 376 -16.13 12.66 20.06
N MET B 377 -17.12 12.45 20.91
CA MET B 377 -17.76 13.54 21.64
C MET B 377 -16.99 13.86 22.92
N GLU B 378 -16.34 12.85 23.48
CA GLU B 378 -15.52 13.05 24.68
C GLU B 378 -14.46 11.94 24.84
N PRO B 379 -13.20 12.29 24.54
CA PRO B 379 -12.07 11.33 24.65
C PRO B 379 -11.83 10.92 26.09
ZN ZN C . 4.84 -2.98 5.52
CL CL D . 2.69 10.55 -18.13
ZN ZN E . -10.32 1.42 -9.29
CL CL F . -20.29 19.47 18.44
#